data_4UCZ
#
_entry.id   4UCZ
#
_cell.length_a   78.800
_cell.length_b   83.710
_cell.length_c   182.640
_cell.angle_alpha   90.00
_cell.angle_beta   90.00
_cell.angle_gamma   90.00
#
_symmetry.space_group_name_H-M   'P 21 21 21'
#
loop_
_entity.id
_entity.type
_entity.pdbx_description
1 polymer 'RNA-DIRECTED RNA POLYMERASE L'
2 non-polymer 'ZINC ION'
3 non-polymer "GUANOSINE-5'-TRIPHOSPHATE"
4 non-polymer GUANOSINE
5 water water
#
_entity_poly.entity_id   1
_entity_poly.type   'polypeptide(L)'
_entity_poly.pdbx_seq_one_letter_code
;MALLTPIPSPMVNLTQVIDPTEQLAYFPKITFERLKNYDTSSNYAKGKLTRNYMILLPWQHVNRYNFVFSSTGCKVSLKT
CIGKLMKDLNPKVLYFIGEGAGNWMARTACEYPDIKFVYRSLKDDLDHHYPLEYQRVIGELSRIIDSGEGLSMETTDATQ
KTHWDLIHRVSKDALLITLCDAEFKDRDDFFKMVILWRKHVLSCRICTTYGTDLYLFAKYHAKDCNVKLPFFVRSVATFI
MQGSKLSGSECYILLTLGHHNNLPCHGEIQNSKMKIAVCNDFYAAKKLDNKSIEANCKSLLSGLRIPINKKELNRQRRLL
TLQSNHSSVATVGGSKVIESKWLTNKANTIIDWLEHILNSPKGELNYDFFEALENTYPNMIKLIDNLGNAEIKKLIKVTG
YMLVSKKSGHHHHHH
;
_entity_poly.pdbx_strand_id   A,B
#
loop_
_chem_comp.id
_chem_comp.type
_chem_comp.name
_chem_comp.formula
GMP non-polymer GUANOSINE 'C10 H13 N5 O5'
GTP non-polymer GUANOSINE-5'-TRIPHOSPHATE 'C10 H16 N5 O14 P3'
ZN non-polymer 'ZINC ION' 'Zn 2'
#
# COMPACT_ATOMS: atom_id res chain seq x y z
N ILE A 18 15.71 1.12 35.91
CA ILE A 18 15.59 0.64 34.53
C ILE A 18 15.68 1.81 33.52
N ASP A 19 16.47 1.61 32.44
CA ASP A 19 16.74 2.62 31.40
C ASP A 19 15.52 2.90 30.54
N PRO A 20 15.13 4.20 30.37
CA PRO A 20 13.93 4.50 29.56
C PRO A 20 14.11 4.21 28.07
N THR A 21 15.27 4.57 27.50
CA THR A 21 15.63 4.38 26.08
C THR A 21 15.66 2.88 25.69
N GLU A 22 15.99 2.00 26.65
CA GLU A 22 16.02 0.55 26.44
C GLU A 22 14.59 0.01 26.35
N GLN A 23 13.69 0.56 27.20
CA GLN A 23 12.26 0.21 27.28
C GLN A 23 11.49 0.64 26.03
N LEU A 24 12.00 1.65 25.30
CA LEU A 24 11.43 2.19 24.07
C LEU A 24 11.32 1.16 22.93
N ALA A 25 12.16 0.13 22.96
CA ALA A 25 12.18 -0.97 21.98
C ALA A 25 10.95 -1.89 22.13
N TYR A 26 10.10 -1.67 23.15
CA TYR A 26 8.89 -2.45 23.35
C TYR A 26 7.68 -1.81 22.65
N PHE A 27 7.72 -0.48 22.42
CA PHE A 27 6.68 0.27 21.72
C PHE A 27 6.91 0.08 20.20
N PRO A 28 5.86 -0.25 19.40
CA PRO A 28 6.08 -0.42 17.95
C PRO A 28 6.27 0.90 17.21
N LYS A 29 6.71 0.83 15.94
CA LYS A 29 6.90 2.01 15.08
C LYS A 29 5.50 2.53 14.71
N ILE A 30 5.40 3.84 14.42
CA ILE A 30 4.11 4.45 14.10
C ILE A 30 4.06 4.99 12.67
N THR A 31 2.95 4.66 11.97
CA THR A 31 2.61 5.13 10.62
C THR A 31 1.45 6.09 10.78
N PHE A 32 1.56 7.26 10.16
CA PHE A 32 0.57 8.32 10.25
C PHE A 32 0.64 9.24 9.04
N GLU A 33 -0.36 10.12 8.90
CA GLU A 33 -0.41 11.12 7.85
C GLU A 33 -0.69 12.48 8.48
N ARG A 34 0.20 13.46 8.21
CA ARG A 34 0.04 14.82 8.71
C ARG A 34 -0.55 15.65 7.59
N LEU A 35 -1.71 16.27 7.86
CA LEU A 35 -2.41 17.15 6.93
C LEU A 35 -2.28 18.57 7.45
N LYS A 36 -1.24 19.28 6.98
CA LYS A 36 -0.95 20.66 7.39
C LYS A 36 -2.06 21.59 6.89
N ASN A 37 -2.58 22.44 7.79
CA ASN A 37 -3.64 23.38 7.50
C ASN A 37 -3.07 24.59 6.79
N TYR A 38 -3.51 24.81 5.54
CA TYR A 38 -3.06 25.91 4.70
C TYR A 38 -4.12 26.99 4.55
N ASP A 39 -3.69 28.26 4.63
CA ASP A 39 -4.55 29.45 4.47
C ASP A 39 -5.12 29.50 3.03
N THR A 40 -4.28 29.10 2.03
CA THR A 40 -4.62 29.05 0.61
C THR A 40 -5.53 27.85 0.30
N SER A 41 -6.56 28.08 -0.56
CA SER A 41 -7.53 27.09 -1.03
C SER A 41 -6.88 25.95 -1.83
N SER A 42 -7.47 24.74 -1.78
CA SER A 42 -6.97 23.54 -2.48
C SER A 42 -7.04 23.66 -4.01
N ASN A 43 -8.26 23.87 -4.57
CA ASN A 43 -8.57 24.01 -6.00
C ASN A 43 -8.11 22.76 -6.81
N TYR A 44 -8.51 21.56 -6.34
CA TYR A 44 -8.15 20.25 -6.92
C TYR A 44 -9.39 19.47 -7.42
N ALA A 45 -10.41 19.29 -6.55
CA ALA A 45 -11.64 18.50 -6.76
C ALA A 45 -11.26 17.01 -6.91
N LYS A 46 -10.75 16.43 -5.79
CA LYS A 46 -10.24 15.07 -5.66
C LYS A 46 -11.30 13.98 -5.52
N GLY A 47 -10.98 12.79 -6.01
CA GLY A 47 -11.81 11.60 -5.89
C GLY A 47 -11.81 11.04 -4.48
N LYS A 48 -12.55 9.95 -4.29
CA LYS A 48 -12.74 9.29 -3.00
C LYS A 48 -12.11 7.91 -3.02
N LEU A 49 -11.53 7.50 -1.87
CA LEU A 49 -10.92 6.18 -1.71
C LEU A 49 -11.72 5.37 -0.71
N THR A 50 -12.31 4.27 -1.19
CA THR A 50 -13.12 3.37 -0.38
C THR A 50 -12.68 1.93 -0.54
N ARG A 51 -12.69 1.20 0.59
CA ARG A 51 -12.38 -0.21 0.68
C ARG A 51 -13.13 -0.71 1.89
N ASN A 52 -14.12 -1.57 1.68
CA ASN A 52 -14.91 -2.08 2.80
C ASN A 52 -14.27 -3.36 3.33
N TYR A 53 -13.53 -3.26 4.43
CA TYR A 53 -12.91 -4.43 5.04
C TYR A 53 -13.95 -5.17 5.86
N MET A 54 -14.24 -6.43 5.51
CA MET A 54 -15.21 -7.23 6.25
C MET A 54 -14.58 -7.74 7.56
N ILE A 55 -14.35 -6.82 8.50
CA ILE A 55 -13.76 -7.12 9.80
C ILE A 55 -14.70 -6.76 10.93
N LEU A 56 -14.70 -7.58 11.98
CA LEU A 56 -15.51 -7.44 13.17
C LEU A 56 -14.67 -7.25 14.44
N LEU A 57 -13.36 -7.60 14.38
CA LEU A 57 -12.42 -7.54 15.52
C LEU A 57 -11.53 -6.29 15.53
N PRO A 58 -11.17 -5.74 16.71
CA PRO A 58 -10.33 -4.53 16.74
C PRO A 58 -8.84 -4.78 16.46
N TRP A 59 -8.52 -4.99 15.17
CA TRP A 59 -7.18 -5.31 14.67
C TRP A 59 -6.12 -4.23 14.91
N GLN A 60 -6.51 -3.05 15.47
CA GLN A 60 -5.55 -1.97 15.77
C GLN A 60 -4.71 -2.27 17.04
N HIS A 61 -5.03 -3.39 17.71
CA HIS A 61 -4.39 -3.90 18.92
C HIS A 61 -3.46 -5.06 18.56
N VAL A 62 -3.25 -5.31 17.25
CA VAL A 62 -2.42 -6.42 16.77
C VAL A 62 -0.92 -6.26 17.19
N ASN A 63 -0.41 -5.02 17.22
CA ASN A 63 0.99 -4.77 17.59
C ASN A 63 1.13 -4.25 19.04
N ARG A 64 0.16 -4.55 19.91
CA ARG A 64 0.18 -4.00 21.28
C ARG A 64 0.33 -5.04 22.42
N TYR A 65 0.79 -6.26 22.09
CA TYR A 65 1.02 -7.40 23.01
C TYR A 65 1.92 -7.08 24.22
N ASN A 66 2.89 -6.17 24.08
CA ASN A 66 3.83 -5.78 25.14
C ASN A 66 3.24 -4.86 26.21
N PHE A 67 1.92 -4.57 26.18
CA PHE A 67 1.27 -3.65 27.13
C PHE A 67 -0.02 -4.22 27.70
N VAL A 68 -0.36 -3.83 28.95
CA VAL A 68 -1.51 -4.39 29.67
C VAL A 68 -2.70 -3.42 29.91
N PHE A 69 -2.52 -2.29 30.65
CA PHE A 69 -3.62 -1.40 31.07
C PHE A 69 -4.00 -0.25 30.14
N SER A 70 -3.07 0.17 29.29
CA SER A 70 -3.21 1.27 28.35
C SER A 70 -2.20 0.95 27.28
N SER A 71 -2.48 1.28 26.04
CA SER A 71 -1.56 0.97 24.94
C SER A 71 -1.60 2.06 23.87
N THR A 72 -2.01 3.27 24.29
CA THR A 72 -2.11 4.48 23.46
C THR A 72 -0.77 4.84 22.83
N GLY A 73 0.33 4.50 23.52
CA GLY A 73 1.70 4.72 23.06
C GLY A 73 2.02 4.02 21.74
N CYS A 74 1.32 2.90 21.45
CA CYS A 74 1.48 2.15 20.20
C CYS A 74 0.81 2.88 19.02
N LYS A 75 -0.17 3.78 19.30
CA LYS A 75 -0.93 4.53 18.32
C LYS A 75 -0.36 5.92 18.02
N VAL A 76 -0.13 6.71 19.06
CA VAL A 76 0.37 8.08 18.95
C VAL A 76 1.70 8.23 19.71
N SER A 77 2.61 9.06 19.17
CA SER A 77 3.94 9.31 19.71
C SER A 77 4.31 10.76 19.46
N LEU A 78 4.89 11.43 20.48
CA LEU A 78 5.28 12.83 20.36
C LEU A 78 6.50 13.02 19.48
N LYS A 79 7.52 12.14 19.62
CA LYS A 79 8.75 12.20 18.82
C LYS A 79 8.46 11.95 17.33
N THR A 80 7.52 11.03 17.04
CA THR A 80 7.13 10.70 15.66
C THR A 80 6.31 11.81 15.01
N CYS A 81 5.20 12.22 15.63
CA CYS A 81 4.31 13.22 15.07
C CYS A 81 4.80 14.67 15.21
N ILE A 82 5.11 15.12 16.44
CA ILE A 82 5.50 16.52 16.68
C ILE A 82 6.98 16.67 17.18
N GLY A 83 7.86 15.78 16.69
CA GLY A 83 9.29 15.76 17.02
C GLY A 83 10.02 17.09 16.87
N LYS A 84 9.77 17.80 15.76
CA LYS A 84 10.36 19.10 15.47
C LYS A 84 9.91 20.15 16.50
N LEU A 85 8.59 20.19 16.83
CA LEU A 85 8.04 21.14 17.82
C LEU A 85 8.62 20.89 19.21
N MET A 86 8.78 19.60 19.58
CA MET A 86 9.36 19.17 20.85
C MET A 86 10.81 19.65 20.97
N LYS A 87 11.56 19.61 19.84
CA LYS A 87 12.96 20.03 19.72
C LYS A 87 13.03 21.54 19.84
N ASP A 88 12.23 22.25 19.03
CA ASP A 88 12.19 23.71 18.98
C ASP A 88 11.79 24.34 20.31
N LEU A 89 10.62 23.97 20.87
CA LEU A 89 10.11 24.52 22.12
C LEU A 89 10.90 24.08 23.34
N ASN A 90 11.33 22.81 23.35
CA ASN A 90 12.07 22.12 24.40
C ASN A 90 11.37 22.30 25.74
N PRO A 91 10.31 21.50 26.00
CA PRO A 91 9.59 21.65 27.27
C PRO A 91 10.28 20.92 28.41
N LYS A 92 10.38 21.60 29.56
CA LYS A 92 10.96 21.01 30.75
C LYS A 92 9.89 20.09 31.38
N VAL A 93 8.61 20.50 31.27
CA VAL A 93 7.42 19.81 31.79
C VAL A 93 6.38 19.68 30.66
N LEU A 94 5.69 18.52 30.60
CA LEU A 94 4.59 18.25 29.67
C LEU A 94 3.31 18.01 30.47
N TYR A 95 2.16 18.50 29.98
CA TYR A 95 0.86 18.37 30.65
C TYR A 95 -0.04 17.35 29.96
N PHE A 96 -0.32 16.21 30.60
CA PHE A 96 -1.17 15.14 30.06
C PHE A 96 -2.52 15.12 30.74
N ILE A 97 -3.58 15.43 29.99
CA ILE A 97 -4.97 15.44 30.48
C ILE A 97 -5.76 14.31 29.79
N GLY A 98 -6.68 13.68 30.53
CA GLY A 98 -7.50 12.55 30.11
C GLY A 98 -6.66 11.35 29.67
N GLU A 99 -5.53 11.13 30.35
CA GLU A 99 -4.49 10.15 30.03
C GLU A 99 -4.77 8.68 30.43
N GLY A 100 -5.66 8.44 31.40
CA GLY A 100 -5.98 7.09 31.87
C GLY A 100 -4.76 6.42 32.51
N ALA A 101 -4.43 5.17 32.12
CA ALA A 101 -3.25 4.49 32.68
C ALA A 101 -1.87 5.05 32.20
N GLY A 102 -1.89 6.16 31.45
CA GLY A 102 -0.69 6.85 30.97
C GLY A 102 0.31 6.11 30.10
N ASN A 103 -0.14 5.30 29.12
CA ASN A 103 0.80 4.61 28.23
C ASN A 103 1.40 5.54 27.15
N TRP A 104 0.68 6.59 26.74
CA TRP A 104 1.17 7.58 25.77
C TRP A 104 2.19 8.45 26.49
N MET A 105 1.92 8.76 27.78
CA MET A 105 2.82 9.51 28.64
C MET A 105 4.08 8.66 28.93
N ALA A 106 3.90 7.32 29.13
CA ALA A 106 5.01 6.38 29.37
C ALA A 106 5.94 6.33 28.17
N ARG A 107 5.40 6.29 26.92
CA ARG A 107 6.22 6.31 25.70
C ARG A 107 7.04 7.58 25.62
N THR A 108 6.42 8.73 25.93
CA THR A 108 7.03 10.07 25.95
C THR A 108 8.24 10.11 26.90
N ALA A 109 8.12 9.44 28.07
CA ALA A 109 9.15 9.34 29.11
C ALA A 109 10.38 8.56 28.62
N CYS A 110 10.19 7.63 27.66
CA CYS A 110 11.23 6.82 27.04
C CYS A 110 11.91 7.58 25.92
N GLU A 111 11.15 8.40 25.17
CA GLU A 111 11.66 9.16 24.03
C GLU A 111 12.37 10.42 24.50
N TYR A 112 11.91 10.99 25.62
CA TYR A 112 12.44 12.22 26.20
C TYR A 112 12.76 11.92 27.68
N PRO A 113 13.95 11.37 27.99
CA PRO A 113 14.24 10.90 29.36
C PRO A 113 14.43 11.96 30.46
N ASP A 114 14.46 13.26 30.11
CA ASP A 114 14.66 14.31 31.09
C ASP A 114 13.40 15.16 31.36
N ILE A 115 12.30 14.91 30.62
CA ILE A 115 11.05 15.66 30.79
C ILE A 115 10.26 15.18 32.01
N LYS A 116 9.73 16.12 32.79
CA LYS A 116 8.87 15.86 33.94
C LYS A 116 7.41 15.98 33.46
N PHE A 117 6.45 15.41 34.21
CA PHE A 117 5.04 15.39 33.78
C PHE A 117 4.03 15.87 34.81
N VAL A 118 2.91 16.41 34.32
CA VAL A 118 1.75 16.82 35.11
C VAL A 118 0.60 16.03 34.54
N TYR A 119 0.13 15.04 35.30
CA TYR A 119 -0.93 14.13 34.87
C TYR A 119 -2.28 14.50 35.48
N ARG A 120 -3.32 14.41 34.66
CA ARG A 120 -4.71 14.65 35.02
C ARG A 120 -5.55 13.67 34.24
N SER A 121 -6.57 13.11 34.90
CA SER A 121 -7.53 12.15 34.35
C SER A 121 -8.76 12.16 35.25
N LEU A 122 -9.96 12.15 34.64
CA LEU A 122 -11.24 12.17 35.34
C LEU A 122 -11.32 11.06 36.40
N LYS A 123 -11.63 11.46 37.65
CA LYS A 123 -11.71 10.59 38.82
C LYS A 123 -13.07 9.87 38.93
N ASP A 124 -13.18 8.69 38.29
CA ASP A 124 -14.41 7.86 38.32
C ASP A 124 -14.11 6.35 38.26
N ASP A 125 -15.15 5.51 38.48
CA ASP A 125 -15.07 4.04 38.45
C ASP A 125 -14.80 3.49 37.04
N LEU A 126 -15.28 4.22 36.00
CA LEU A 126 -15.12 3.89 34.57
C LEU A 126 -13.64 4.10 34.14
N ASP A 127 -12.93 3.03 33.73
CA ASP A 127 -11.50 3.05 33.37
C ASP A 127 -10.61 3.44 34.59
N HIS A 128 -9.46 4.13 34.36
CA HIS A 128 -8.46 4.52 35.36
C HIS A 128 -8.42 6.03 35.62
N HIS A 129 -7.79 6.41 36.76
CA HIS A 129 -7.50 7.78 37.21
C HIS A 129 -6.13 7.82 37.95
N TYR A 130 -5.27 6.82 37.62
CA TYR A 130 -3.91 6.63 38.12
C TYR A 130 -3.04 6.00 36.99
N PRO A 131 -1.78 6.46 36.78
CA PRO A 131 -0.97 5.91 35.67
C PRO A 131 -0.31 4.54 35.92
N LEU A 132 -1.12 3.47 35.93
CA LEU A 132 -0.68 2.07 36.14
C LEU A 132 0.37 1.58 35.14
N GLU A 133 0.24 1.99 33.86
CA GLU A 133 1.15 1.60 32.78
C GLU A 133 2.45 2.36 32.81
N TYR A 134 2.44 3.64 33.27
CA TYR A 134 3.66 4.43 33.41
C TYR A 134 4.49 3.76 34.54
N GLN A 135 3.80 3.42 35.66
CA GLN A 135 4.34 2.71 36.82
C GLN A 135 4.98 1.41 36.36
N ARG A 136 4.33 0.72 35.41
CA ARG A 136 4.79 -0.55 34.84
C ARG A 136 6.02 -0.37 33.92
N VAL A 137 5.92 0.54 32.94
CA VAL A 137 6.96 0.82 31.94
C VAL A 137 8.22 1.47 32.56
N ILE A 138 8.07 2.60 33.25
CA ILE A 138 9.19 3.38 33.84
C ILE A 138 9.73 2.78 35.17
N GLY A 139 8.84 2.22 35.99
CA GLY A 139 9.25 1.63 37.26
C GLY A 139 8.80 2.43 38.47
N GLU A 140 9.00 3.76 38.41
CA GLU A 140 8.63 4.67 39.49
C GLU A 140 7.99 5.97 38.97
N LEU A 141 7.13 6.58 39.79
CA LEU A 141 6.42 7.81 39.47
C LEU A 141 7.19 9.11 39.84
N SER A 142 8.53 9.00 40.00
CA SER A 142 9.40 10.12 40.36
C SER A 142 9.29 11.34 39.43
N ARG A 143 9.17 11.10 38.09
CA ARG A 143 9.09 12.14 37.08
C ARG A 143 7.70 12.77 36.95
N ILE A 144 6.68 12.14 37.56
CA ILE A 144 5.33 12.70 37.59
C ILE A 144 5.28 13.58 38.84
N ILE A 145 5.63 14.86 38.65
CA ILE A 145 5.71 15.87 39.71
C ILE A 145 4.32 16.25 40.24
N ASP A 146 3.25 15.94 39.50
CA ASP A 146 1.86 16.20 39.86
C ASP A 146 1.00 15.10 39.24
N SER A 147 0.55 14.14 40.06
CA SER A 147 -0.28 13.01 39.61
C SER A 147 -1.77 13.23 39.92
N GLY A 148 -2.09 14.44 40.38
CA GLY A 148 -3.45 14.86 40.70
C GLY A 148 -3.99 14.25 41.98
N GLU A 149 -3.08 13.94 42.93
CA GLU A 149 -3.43 13.36 44.22
C GLU A 149 -4.19 14.34 45.10
N GLY A 150 -5.25 13.86 45.73
CA GLY A 150 -6.09 14.66 46.61
C GLY A 150 -6.94 15.70 45.90
N LEU A 151 -7.33 15.43 44.64
CA LEU A 151 -8.19 16.29 43.82
C LEU A 151 -9.58 15.68 43.68
N SER A 152 -10.60 16.54 43.55
CA SER A 152 -11.99 16.12 43.39
C SER A 152 -12.22 15.67 41.95
N MET A 153 -13.43 15.13 41.66
CA MET A 153 -13.79 14.71 40.32
C MET A 153 -13.91 15.95 39.41
N GLU A 154 -14.39 17.06 39.99
CA GLU A 154 -14.56 18.35 39.34
C GLU A 154 -13.22 18.98 38.95
N THR A 155 -12.19 18.81 39.79
CA THR A 155 -10.87 19.39 39.54
C THR A 155 -10.00 18.49 38.63
N THR A 156 -10.53 17.31 38.23
CA THR A 156 -9.85 16.37 37.31
C THR A 156 -10.59 16.29 35.96
N ASP A 157 -11.70 17.05 35.83
CA ASP A 157 -12.53 17.16 34.64
C ASP A 157 -12.06 18.37 33.82
N ALA A 158 -11.49 18.11 32.63
CA ALA A 158 -10.98 19.13 31.71
C ALA A 158 -12.07 20.07 31.14
N THR A 159 -13.36 19.75 31.38
CA THR A 159 -14.50 20.58 30.96
C THR A 159 -14.86 21.60 32.05
N GLN A 160 -14.18 21.52 33.22
CA GLN A 160 -14.41 22.40 34.37
C GLN A 160 -13.28 23.41 34.52
N LYS A 161 -13.61 24.65 34.92
CA LYS A 161 -12.67 25.75 35.11
C LYS A 161 -11.64 25.44 36.20
N THR A 162 -12.10 24.85 37.34
CA THR A 162 -11.27 24.50 38.50
C THR A 162 -10.08 23.57 38.15
N HIS A 163 -10.22 22.71 37.12
CA HIS A 163 -9.17 21.81 36.62
C HIS A 163 -8.00 22.64 36.11
N TRP A 164 -8.31 23.70 35.37
CA TRP A 164 -7.34 24.59 34.75
C TRP A 164 -6.72 25.55 35.76
N ASP A 165 -7.51 26.03 36.75
CA ASP A 165 -7.03 26.94 37.81
C ASP A 165 -5.95 26.27 38.66
N LEU A 166 -6.13 24.97 38.97
CA LEU A 166 -5.20 24.18 39.79
C LEU A 166 -4.17 23.39 38.97
N ILE A 167 -3.97 23.73 37.69
CA ILE A 167 -3.00 23.01 36.85
C ILE A 167 -1.56 23.35 37.25
N HIS A 168 -1.36 24.53 37.87
CA HIS A 168 -0.03 24.98 38.26
C HIS A 168 0.30 24.80 39.75
N ARG A 169 -0.48 23.96 40.48
CA ARG A 169 -0.30 23.73 41.92
C ARG A 169 1.10 23.17 42.28
N VAL A 170 1.77 22.48 41.34
CA VAL A 170 3.13 21.96 41.52
C VAL A 170 4.03 22.62 40.47
N SER A 171 3.73 22.37 39.17
CA SER A 171 4.51 22.91 38.06
C SER A 171 4.29 24.39 37.83
N LYS A 172 5.38 25.14 37.68
CA LYS A 172 5.32 26.57 37.44
C LYS A 172 5.78 26.92 36.03
N ASP A 173 5.98 25.87 35.20
CA ASP A 173 6.33 25.94 33.79
C ASP A 173 5.06 26.21 32.97
N ALA A 174 5.19 26.95 31.87
CA ALA A 174 4.06 27.26 30.98
C ALA A 174 3.58 26.01 30.23
N LEU A 175 2.29 26.01 29.84
CA LEU A 175 1.64 24.96 29.08
C LEU A 175 2.04 25.07 27.59
N LEU A 176 3.32 24.79 27.30
CA LEU A 176 3.87 24.84 25.94
C LEU A 176 3.22 23.78 25.08
N ILE A 177 3.19 22.52 25.57
CA ILE A 177 2.55 21.41 24.87
C ILE A 177 1.68 20.68 25.87
N THR A 178 0.35 20.73 25.65
CA THR A 178 -0.68 20.07 26.46
C THR A 178 -1.23 18.91 25.63
N LEU A 179 -1.19 17.70 26.20
CA LEU A 179 -1.62 16.48 25.52
C LEU A 179 -2.95 16.02 26.06
N CYS A 180 -3.92 15.84 25.15
CA CYS A 180 -5.24 15.37 25.54
C CYS A 180 -5.69 14.18 24.77
N ASP A 181 -5.95 13.08 25.46
CA ASP A 181 -6.42 11.83 24.88
C ASP A 181 -7.75 11.44 25.55
N ALA A 182 -8.49 12.45 26.03
CA ALA A 182 -9.78 12.25 26.66
C ALA A 182 -10.87 11.92 25.65
N GLU A 183 -11.84 11.11 26.09
CA GLU A 183 -13.01 10.75 25.30
C GLU A 183 -14.16 11.57 25.86
N PHE A 184 -14.78 12.41 25.00
CA PHE A 184 -15.89 13.25 25.43
C PHE A 184 -17.23 12.69 24.95
N LYS A 185 -18.33 13.09 25.63
CA LYS A 185 -19.70 12.68 25.30
C LYS A 185 -20.08 13.33 23.96
N ASP A 186 -20.28 14.66 23.97
CA ASP A 186 -20.60 15.43 22.78
C ASP A 186 -19.37 16.19 22.30
N ARG A 187 -19.49 16.85 21.13
CA ARG A 187 -18.45 17.73 20.60
C ARG A 187 -18.47 19.01 21.45
N ASP A 188 -19.61 19.28 22.13
CA ASP A 188 -19.81 20.43 23.01
C ASP A 188 -18.90 20.35 24.20
N ASP A 189 -18.69 19.13 24.74
CA ASP A 189 -17.77 18.89 25.85
C ASP A 189 -16.32 19.12 25.40
N PHE A 190 -16.00 18.69 24.16
CA PHE A 190 -14.67 18.90 23.57
C PHE A 190 -14.42 20.41 23.46
N PHE A 191 -15.43 21.15 22.99
CA PHE A 191 -15.40 22.61 22.86
C PHE A 191 -15.22 23.28 24.22
N LYS A 192 -15.88 22.76 25.29
CA LYS A 192 -15.77 23.27 26.66
C LYS A 192 -14.30 23.30 27.10
N MET A 193 -13.59 22.18 26.85
CA MET A 193 -12.18 21.97 27.16
C MET A 193 -11.31 22.93 26.34
N VAL A 194 -11.53 22.98 25.00
CA VAL A 194 -10.77 23.82 24.08
C VAL A 194 -10.89 25.29 24.49
N ILE A 195 -12.11 25.72 24.83
CA ILE A 195 -12.38 27.08 25.30
C ILE A 195 -11.63 27.37 26.60
N LEU A 196 -11.73 26.44 27.57
CA LEU A 196 -11.05 26.58 28.87
C LEU A 196 -9.53 26.59 28.75
N TRP A 197 -8.97 25.83 27.80
CA TRP A 197 -7.53 25.82 27.56
C TRP A 197 -7.14 27.23 27.15
N ARG A 198 -7.85 27.80 26.14
CA ARG A 198 -7.64 29.15 25.60
C ARG A 198 -7.74 30.19 26.71
N LYS A 199 -8.84 30.13 27.50
CA LYS A 199 -9.09 31.05 28.60
C LYS A 199 -7.92 31.05 29.58
N HIS A 200 -7.38 29.86 29.90
CA HIS A 200 -6.22 29.72 30.77
C HIS A 200 -4.95 30.32 30.13
N VAL A 201 -4.50 29.78 28.98
CA VAL A 201 -3.28 30.22 28.30
C VAL A 201 -3.26 31.75 27.98
N LEU A 202 -4.44 32.43 28.04
CA LEU A 202 -4.53 33.87 27.82
C LEU A 202 -4.66 34.68 29.12
N SER A 203 -5.13 34.04 30.21
CA SER A 203 -5.28 34.67 31.53
C SER A 203 -4.09 34.44 32.45
N CYS A 204 -3.63 33.17 32.56
CA CYS A 204 -2.57 32.69 33.43
C CYS A 204 -1.23 33.44 33.30
N ARG A 205 -0.81 34.07 34.41
CA ARG A 205 0.43 34.83 34.64
C ARG A 205 1.68 34.10 34.07
N ILE A 206 1.81 32.79 34.38
CA ILE A 206 2.91 31.91 33.94
C ILE A 206 2.91 31.74 32.43
N CYS A 207 1.75 31.36 31.87
CA CYS A 207 1.57 31.04 30.45
C CYS A 207 1.61 32.27 29.53
N THR A 208 0.95 33.38 29.94
CA THR A 208 0.85 34.66 29.22
C THR A 208 2.23 35.15 28.76
N THR A 209 3.28 34.80 29.51
CA THR A 209 4.68 35.15 29.25
C THR A 209 5.17 34.57 27.90
N TYR A 210 4.83 33.31 27.56
CA TYR A 210 5.22 32.67 26.29
C TYR A 210 4.40 33.12 25.05
N GLY A 211 3.29 33.80 25.31
CA GLY A 211 2.43 34.34 24.27
C GLY A 211 1.60 33.34 23.50
N THR A 212 1.50 33.53 22.17
CA THR A 212 0.69 32.69 21.29
C THR A 212 1.35 31.34 20.95
N ASP A 213 2.65 31.16 21.27
CA ASP A 213 3.37 29.93 20.96
C ASP A 213 3.12 28.83 22.00
N LEU A 214 1.84 28.48 22.20
CA LEU A 214 1.39 27.45 23.12
C LEU A 214 0.49 26.48 22.34
N TYR A 215 0.67 25.18 22.57
CA TYR A 215 -0.02 24.13 21.82
C TYR A 215 -0.83 23.15 22.66
N LEU A 216 -1.92 22.65 22.02
CA LEU A 216 -2.86 21.65 22.53
C LEU A 216 -3.03 20.58 21.45
N PHE A 217 -2.44 19.40 21.67
CA PHE A 217 -2.51 18.28 20.77
C PHE A 217 -3.56 17.37 21.37
N ALA A 218 -4.75 17.33 20.74
CA ALA A 218 -5.89 16.62 21.27
C ALA A 218 -6.56 15.65 20.30
N LYS A 219 -7.09 14.54 20.87
CA LYS A 219 -7.83 13.53 20.13
C LYS A 219 -9.17 14.14 19.77
N TYR A 220 -9.60 13.96 18.53
CA TYR A 220 -10.88 14.48 18.01
C TYR A 220 -11.50 13.50 17.04
N HIS A 221 -12.82 13.36 17.08
CA HIS A 221 -13.53 12.50 16.14
C HIS A 221 -14.16 13.39 15.09
N ALA A 222 -13.64 13.30 13.86
CA ALA A 222 -14.08 14.09 12.71
C ALA A 222 -15.42 13.58 12.20
N LYS A 223 -16.50 14.05 12.83
CA LYS A 223 -17.86 13.66 12.52
C LYS A 223 -18.40 14.48 11.34
N ASP A 224 -18.63 15.79 11.55
CA ASP A 224 -19.20 16.66 10.52
C ASP A 224 -18.16 17.26 9.57
N CYS A 225 -18.49 18.43 9.02
CA CYS A 225 -17.65 19.18 8.08
C CYS A 225 -17.93 20.68 8.19
N ASN A 226 -16.92 21.52 7.87
CA ASN A 226 -16.95 22.97 7.92
C ASN A 226 -17.40 23.51 9.30
N VAL A 227 -16.84 22.90 10.38
CA VAL A 227 -17.13 23.27 11.77
C VAL A 227 -16.00 24.18 12.26
N LYS A 228 -16.36 25.40 12.63
CA LYS A 228 -15.39 26.39 13.09
C LYS A 228 -14.95 26.09 14.51
N LEU A 229 -13.64 26.15 14.74
CA LEU A 229 -13.00 25.99 16.05
C LEU A 229 -13.36 27.22 16.90
N PRO A 230 -13.24 27.20 18.26
CA PRO A 230 -13.55 28.43 19.02
C PRO A 230 -12.69 29.63 18.58
N PHE A 231 -13.08 30.84 18.99
CA PHE A 231 -12.34 32.05 18.64
C PHE A 231 -10.92 32.00 19.12
N PHE A 232 -10.00 32.50 18.28
CA PHE A 232 -8.56 32.56 18.47
C PHE A 232 -7.92 31.19 18.73
N VAL A 233 -8.54 30.11 18.18
CA VAL A 233 -8.00 28.75 18.25
C VAL A 233 -7.83 28.27 16.81
N ARG A 234 -6.56 28.19 16.35
CA ARG A 234 -6.15 27.82 15.01
C ARG A 234 -5.48 26.43 14.98
N SER A 235 -6.03 25.50 14.18
CA SER A 235 -5.47 24.17 13.98
C SER A 235 -4.25 24.31 13.07
N VAL A 236 -3.11 23.76 13.50
CA VAL A 236 -1.85 23.76 12.76
C VAL A 236 -1.82 22.60 11.75
N ALA A 237 -2.13 21.37 12.24
CA ALA A 237 -2.12 20.15 11.43
C ALA A 237 -3.08 19.10 11.99
N THR A 238 -3.41 18.08 11.18
CA THR A 238 -4.27 16.97 11.55
C THR A 238 -3.51 15.67 11.33
N PHE A 239 -3.49 14.82 12.36
CA PHE A 239 -2.77 13.56 12.35
C PHE A 239 -3.73 12.39 12.33
N ILE A 240 -3.61 11.54 11.30
CA ILE A 240 -4.42 10.35 11.10
C ILE A 240 -3.49 9.18 11.42
N MET A 241 -3.83 8.41 12.46
CA MET A 241 -3.02 7.29 12.93
C MET A 241 -3.49 5.93 12.43
N GLN A 242 -2.52 5.06 12.14
CA GLN A 242 -2.72 3.67 11.72
C GLN A 242 -3.32 2.88 12.90
N GLY A 243 -3.01 3.32 14.11
CA GLY A 243 -3.46 2.70 15.36
C GLY A 243 -4.89 2.99 15.74
N SER A 244 -5.52 4.01 15.10
CA SER A 244 -6.92 4.39 15.37
C SER A 244 -7.85 3.32 14.78
N LYS A 245 -9.00 3.08 15.45
CA LYS A 245 -10.02 2.11 15.03
C LYS A 245 -10.47 2.47 13.63
N LEU A 246 -10.47 1.47 12.74
CA LEU A 246 -10.85 1.59 11.32
C LEU A 246 -12.26 2.16 11.13
N SER A 247 -13.22 1.65 11.91
CA SER A 247 -14.63 2.01 11.87
C SER A 247 -14.92 3.50 12.06
N GLY A 248 -14.29 4.13 13.05
CA GLY A 248 -14.56 5.54 13.35
C GLY A 248 -13.97 6.56 12.39
N SER A 249 -13.73 7.77 12.90
CA SER A 249 -13.10 8.90 12.19
C SER A 249 -12.26 9.72 13.19
N GLU A 250 -11.54 8.97 14.06
CA GLU A 250 -10.65 9.50 15.09
C GLU A 250 -9.39 10.04 14.48
N CYS A 251 -8.96 11.18 14.97
CA CYS A 251 -7.72 11.81 14.54
C CYS A 251 -7.14 12.68 15.68
N TYR A 252 -5.91 13.16 15.53
CA TYR A 252 -5.27 14.01 16.53
C TYR A 252 -4.98 15.34 15.91
N ILE A 253 -5.57 16.40 16.48
CA ILE A 253 -5.37 17.75 15.98
C ILE A 253 -4.41 18.55 16.84
N LEU A 254 -3.49 19.28 16.19
CA LEU A 254 -2.52 20.12 16.87
C LEU A 254 -3.02 21.54 16.79
N LEU A 255 -3.54 22.07 17.90
CA LEU A 255 -4.09 23.42 17.96
C LEU A 255 -3.11 24.41 18.59
N THR A 256 -3.28 25.70 18.28
CA THR A 256 -2.48 26.82 18.80
C THR A 256 -3.35 28.07 18.88
N LEU A 257 -2.82 29.16 19.44
CA LEU A 257 -3.55 30.43 19.47
C LEU A 257 -3.27 31.14 18.13
N GLY A 258 -4.32 31.69 17.53
CA GLY A 258 -4.26 32.38 16.25
C GLY A 258 -5.62 32.51 15.59
N HIS A 259 -5.71 33.24 14.46
CA HIS A 259 -6.99 33.46 13.75
C HIS A 259 -7.61 32.11 13.40
N HIS A 260 -8.76 31.80 14.03
CA HIS A 260 -9.45 30.51 13.95
C HIS A 260 -9.72 29.99 12.55
N ASN A 261 -9.76 28.65 12.43
CA ASN A 261 -10.04 27.90 11.22
C ASN A 261 -11.01 26.75 11.50
N ASN A 262 -11.12 25.81 10.54
CA ASN A 262 -12.04 24.69 10.63
C ASN A 262 -11.46 23.41 11.17
N LEU A 263 -12.28 22.65 11.92
CA LEU A 263 -11.96 21.32 12.45
C LEU A 263 -11.87 20.35 11.26
N PRO A 264 -11.05 19.26 11.36
CA PRO A 264 -10.99 18.30 10.25
C PRO A 264 -12.35 17.67 9.94
N CYS A 265 -12.61 17.50 8.65
CA CYS A 265 -13.85 16.93 8.15
C CYS A 265 -13.74 15.45 7.95
N HIS A 266 -14.87 14.74 8.15
CA HIS A 266 -15.00 13.30 7.98
C HIS A 266 -14.37 12.79 6.66
N GLY A 267 -14.62 13.51 5.56
CA GLY A 267 -14.13 13.21 4.22
C GLY A 267 -12.63 13.02 4.13
N GLU A 268 -11.87 14.10 4.43
CA GLU A 268 -10.41 14.12 4.39
C GLU A 268 -9.84 13.01 5.27
N ILE A 269 -10.36 12.90 6.51
CA ILE A 269 -9.98 11.90 7.50
C ILE A 269 -10.16 10.49 6.93
N GLN A 270 -11.30 10.22 6.27
CA GLN A 270 -11.59 8.90 5.69
C GLN A 270 -10.66 8.53 4.55
N ASN A 271 -10.34 9.47 3.63
CA ASN A 271 -9.42 9.21 2.52
C ASN A 271 -8.03 8.85 3.03
N SER A 272 -7.52 9.65 3.99
CA SER A 272 -6.24 9.41 4.68
C SER A 272 -6.25 8.11 5.48
N LYS A 273 -7.33 7.84 6.24
CA LYS A 273 -7.57 6.65 7.05
C LYS A 273 -7.51 5.39 6.16
N MET A 274 -8.12 5.47 4.95
CA MET A 274 -8.19 4.37 4.01
C MET A 274 -6.87 4.09 3.34
N LYS A 275 -6.13 5.13 2.94
CA LYS A 275 -4.84 4.92 2.29
C LYS A 275 -3.93 4.12 3.20
N ILE A 276 -3.83 4.51 4.48
CA ILE A 276 -3.05 3.84 5.51
C ILE A 276 -3.49 2.36 5.67
N ALA A 277 -4.80 2.10 5.63
CA ALA A 277 -5.36 0.75 5.80
C ALA A 277 -5.09 -0.18 4.64
N VAL A 278 -5.05 0.39 3.43
CA VAL A 278 -4.85 -0.35 2.19
C VAL A 278 -3.36 -0.59 1.90
N CYS A 279 -2.54 0.46 2.03
CA CYS A 279 -1.13 0.46 1.67
C CYS A 279 -0.18 -0.11 2.73
N ASN A 280 -0.13 0.54 3.90
CA ASN A 280 0.77 0.23 5.01
C ASN A 280 0.43 -1.02 5.81
N ASP A 281 1.49 -1.59 6.41
CA ASP A 281 1.48 -2.75 7.29
C ASP A 281 1.82 -2.29 8.71
N PHE A 282 1.33 -3.01 9.71
CA PHE A 282 1.60 -2.74 11.11
C PHE A 282 3.00 -3.20 11.43
N TYR A 283 3.81 -2.29 12.00
CA TYR A 283 5.17 -2.56 12.43
C TYR A 283 5.11 -3.28 13.77
N ALA A 284 5.86 -4.37 13.94
CA ALA A 284 5.91 -5.08 15.20
C ALA A 284 6.98 -4.44 16.11
N ALA A 285 6.94 -4.76 17.41
CA ALA A 285 7.91 -4.23 18.36
C ALA A 285 9.23 -4.97 18.20
N LYS A 286 10.35 -4.23 18.23
CA LYS A 286 11.71 -4.78 18.06
C LYS A 286 12.05 -5.83 19.13
N LYS A 287 11.62 -5.60 20.38
CA LYS A 287 11.81 -6.51 21.50
C LYS A 287 10.44 -7.04 21.98
N LEU A 288 10.45 -8.16 22.73
CA LEU A 288 9.23 -8.76 23.26
C LEU A 288 9.26 -8.77 24.80
N ASP A 289 8.31 -8.04 25.43
CA ASP A 289 8.18 -7.98 26.89
C ASP A 289 7.41 -9.24 27.28
N ASN A 290 8.16 -10.33 27.48
CA ASN A 290 7.64 -11.66 27.83
C ASN A 290 6.78 -11.68 29.11
N LYS A 291 7.07 -10.78 30.07
CA LYS A 291 6.29 -10.67 31.31
C LYS A 291 4.92 -10.05 31.00
N SER A 292 4.88 -9.05 30.08
CA SER A 292 3.65 -8.37 29.64
C SER A 292 2.81 -9.29 28.77
N ILE A 293 3.45 -10.08 27.87
CA ILE A 293 2.76 -11.04 27.00
C ILE A 293 2.07 -12.09 27.88
N GLU A 294 2.81 -12.66 28.87
CA GLU A 294 2.32 -13.65 29.83
C GLU A 294 1.13 -13.10 30.60
N ALA A 295 1.19 -11.80 30.99
CA ALA A 295 0.14 -11.10 31.73
C ALA A 295 -1.15 -11.03 30.90
N ASN A 296 -1.03 -10.67 29.60
CA ASN A 296 -2.16 -10.58 28.67
C ASN A 296 -2.71 -11.95 28.34
N CYS A 297 -1.83 -12.97 28.27
CA CYS A 297 -2.21 -14.36 28.02
C CYS A 297 -3.04 -14.88 29.20
N LYS A 298 -2.56 -14.62 30.44
CA LYS A 298 -3.26 -15.02 31.67
C LYS A 298 -4.51 -14.18 31.93
N SER A 299 -4.55 -12.95 31.36
CA SER A 299 -5.70 -12.03 31.47
C SER A 299 -6.83 -12.50 30.56
N LEU A 300 -6.46 -13.03 29.38
CA LEU A 300 -7.39 -13.55 28.38
C LEU A 300 -8.00 -14.86 28.87
N LEU A 301 -7.13 -15.81 29.23
CA LEU A 301 -7.49 -17.13 29.71
C LEU A 301 -6.54 -17.51 30.85
N SER A 302 -7.08 -17.69 32.07
CA SER A 302 -6.27 -18.04 33.24
C SER A 302 -5.52 -19.35 33.06
N GLY A 303 -4.21 -19.28 33.17
CA GLY A 303 -3.35 -20.44 33.01
C GLY A 303 -2.69 -20.57 31.65
N LEU A 304 -3.01 -19.64 30.72
CA LEU A 304 -2.42 -19.64 29.37
C LEU A 304 -0.94 -19.28 29.47
N ARG A 305 -0.09 -20.14 28.88
CA ARG A 305 1.36 -19.97 28.93
C ARG A 305 2.00 -19.83 27.57
N ILE A 306 3.12 -19.09 27.52
CA ILE A 306 3.89 -18.88 26.30
C ILE A 306 5.02 -19.95 26.21
N PRO A 307 5.31 -20.52 25.02
CA PRO A 307 4.73 -20.23 23.71
C PRO A 307 3.37 -20.89 23.51
N ILE A 308 2.56 -20.34 22.60
CA ILE A 308 1.25 -20.90 22.30
C ILE A 308 1.44 -21.81 21.08
N ASN A 309 1.29 -23.14 21.32
CA ASN A 309 1.45 -24.20 20.32
C ASN A 309 0.35 -25.25 20.50
N LYS A 310 0.30 -26.26 19.60
CA LYS A 310 -0.68 -27.35 19.64
C LYS A 310 -0.74 -28.02 21.01
N LYS A 311 0.45 -28.30 21.62
CA LYS A 311 0.62 -28.91 22.94
C LYS A 311 0.00 -28.04 24.05
N GLU A 312 0.29 -26.72 24.01
CA GLU A 312 -0.20 -25.72 24.96
C GLU A 312 -1.73 -25.55 24.86
N LEU A 313 -2.27 -25.63 23.62
CA LEU A 313 -3.71 -25.49 23.37
C LEU A 313 -4.49 -26.72 23.81
N ASN A 314 -3.94 -27.93 23.54
CA ASN A 314 -4.55 -29.21 23.90
C ASN A 314 -4.63 -29.43 25.42
N ARG A 315 -3.70 -28.83 26.21
CA ARG A 315 -3.74 -28.93 27.68
C ARG A 315 -4.87 -28.06 28.25
N GLN A 316 -5.19 -26.95 27.56
CA GLN A 316 -6.27 -26.05 27.92
C GLN A 316 -7.62 -26.69 27.60
N ARG A 317 -7.62 -27.55 26.57
CA ARG A 317 -8.79 -28.34 26.15
C ARG A 317 -8.95 -29.50 27.14
N ARG A 318 -7.84 -29.98 27.72
CA ARG A 318 -7.81 -31.06 28.70
C ARG A 318 -8.31 -30.53 30.06
N LEU A 319 -7.81 -29.36 30.49
CA LEU A 319 -8.14 -28.70 31.75
C LEU A 319 -9.65 -28.42 31.90
N LEU A 320 -10.35 -28.13 30.79
CA LEU A 320 -11.79 -27.90 30.82
C LEU A 320 -12.58 -29.22 30.90
N THR A 321 -12.03 -30.29 30.29
CA THR A 321 -12.62 -31.64 30.27
C THR A 321 -12.63 -32.24 31.68
N LEU A 322 -11.53 -32.07 32.43
CA LEU A 322 -11.37 -32.56 33.82
C LEU A 322 -12.25 -31.79 34.82
N GLN A 323 -12.60 -30.53 34.50
CA GLN A 323 -13.44 -29.68 35.36
C GLN A 323 -14.93 -30.10 35.28
N SER A 324 -15.44 -30.41 34.07
CA SER A 324 -16.82 -30.85 33.83
C SER A 324 -17.09 -32.26 34.38
N ASN A 325 -16.05 -33.13 34.38
CA ASN A 325 -16.09 -34.52 34.86
C ASN A 325 -15.49 -34.66 36.27
N SER A 335 -23.00 -20.58 44.42
CA SER A 335 -22.76 -20.84 42.99
C SER A 335 -23.33 -22.20 42.55
N LYS A 336 -23.85 -22.25 41.29
CA LYS A 336 -24.43 -23.46 40.69
C LYS A 336 -23.45 -24.20 39.77
N VAL A 337 -23.71 -25.51 39.55
CA VAL A 337 -22.93 -26.40 38.68
C VAL A 337 -23.22 -26.05 37.19
N ILE A 338 -24.49 -25.69 36.88
CA ILE A 338 -24.97 -25.27 35.55
C ILE A 338 -24.47 -23.85 35.19
N GLU A 339 -24.16 -23.03 36.22
CA GLU A 339 -23.67 -21.65 36.13
C GLU A 339 -22.25 -21.57 35.54
N SER A 340 -21.34 -22.50 35.94
CA SER A 340 -19.94 -22.56 35.50
C SER A 340 -19.78 -22.94 34.01
N LYS A 341 -20.87 -23.38 33.34
CA LYS A 341 -20.88 -23.75 31.93
C LYS A 341 -20.67 -22.51 31.03
N TRP A 342 -20.97 -21.31 31.57
CA TRP A 342 -20.79 -20.00 30.93
C TRP A 342 -19.30 -19.67 30.79
N LEU A 343 -18.52 -19.89 31.86
CA LEU A 343 -17.09 -19.65 31.92
C LEU A 343 -16.33 -20.58 30.97
N THR A 344 -16.75 -21.86 30.88
CA THR A 344 -16.15 -22.88 30.01
C THR A 344 -16.47 -22.61 28.54
N ASN A 345 -17.66 -22.01 28.25
CA ASN A 345 -18.09 -21.67 26.90
C ASN A 345 -17.19 -20.58 26.30
N LYS A 346 -16.82 -19.57 27.13
CA LYS A 346 -15.92 -18.47 26.78
C LYS A 346 -14.54 -19.04 26.44
N ALA A 347 -14.06 -19.97 27.29
CA ALA A 347 -12.76 -20.63 27.16
C ALA A 347 -12.62 -21.37 25.85
N ASN A 348 -13.63 -22.20 25.48
CA ASN A 348 -13.65 -22.96 24.23
C ASN A 348 -13.51 -22.03 23.02
N THR A 349 -14.29 -20.91 23.00
CA THR A 349 -14.31 -19.88 21.98
C THR A 349 -12.90 -19.31 21.75
N ILE A 350 -12.20 -18.96 22.86
CA ILE A 350 -10.84 -18.42 22.86
C ILE A 350 -9.85 -19.43 22.26
N ILE A 351 -9.85 -20.68 22.78
CA ILE A 351 -8.98 -21.77 22.29
C ILE A 351 -9.23 -22.02 20.80
N ASP A 352 -10.51 -22.13 20.38
CA ASP A 352 -10.92 -22.33 18.99
C ASP A 352 -10.30 -21.26 18.08
N TRP A 353 -10.29 -19.98 18.52
CA TRP A 353 -9.71 -18.88 17.75
C TRP A 353 -8.20 -18.98 17.67
N LEU A 354 -7.52 -19.18 18.82
CA LEU A 354 -6.07 -19.30 18.89
C LEU A 354 -5.58 -20.49 18.07
N GLU A 355 -6.35 -21.60 18.08
CA GLU A 355 -6.08 -22.81 17.29
C GLU A 355 -6.19 -22.46 15.81
N HIS A 356 -7.20 -21.64 15.43
CA HIS A 356 -7.41 -21.17 14.06
C HIS A 356 -6.23 -20.29 13.61
N ILE A 357 -5.72 -19.42 14.52
CA ILE A 357 -4.58 -18.54 14.23
C ILE A 357 -3.31 -19.38 14.03
N LEU A 358 -3.11 -20.41 14.89
CA LEU A 358 -1.99 -21.34 14.85
C LEU A 358 -1.94 -22.10 13.51
N ASN A 359 -3.09 -22.65 13.08
CA ASN A 359 -3.25 -23.39 11.83
C ASN A 359 -3.22 -22.47 10.60
N SER A 360 -3.39 -21.16 10.78
CA SER A 360 -3.41 -20.19 9.69
C SER A 360 -2.00 -19.91 9.15
N PRO A 361 -1.86 -19.66 7.83
CA PRO A 361 -0.52 -19.35 7.29
C PRO A 361 -0.05 -17.97 7.70
N LYS A 362 1.27 -17.80 7.88
CA LYS A 362 1.85 -16.51 8.24
C LYS A 362 1.71 -15.56 7.05
N GLY A 363 1.25 -14.35 7.36
CA GLY A 363 1.09 -13.28 6.39
C GLY A 363 1.64 -11.99 6.97
N GLU A 364 1.57 -10.90 6.20
CA GLU A 364 2.01 -9.60 6.68
C GLU A 364 0.92 -8.98 7.56
N LEU A 365 1.30 -8.12 8.53
CA LEU A 365 0.33 -7.48 9.43
C LEU A 365 -0.42 -6.33 8.72
N ASN A 366 -1.50 -6.68 7.99
CA ASN A 366 -2.33 -5.71 7.26
C ASN A 366 -3.79 -6.15 7.23
N TYR A 367 -4.71 -5.17 7.07
CA TYR A 367 -6.15 -5.42 7.06
C TYR A 367 -6.60 -6.40 5.97
N ASP A 368 -5.82 -6.56 4.87
CA ASP A 368 -6.16 -7.53 3.82
C ASP A 368 -6.00 -8.94 4.40
N PHE A 369 -4.89 -9.16 5.13
CA PHE A 369 -4.59 -10.43 5.78
C PHE A 369 -5.51 -10.68 6.97
N PHE A 370 -5.88 -9.61 7.72
CA PHE A 370 -6.78 -9.73 8.88
C PHE A 370 -8.19 -10.09 8.42
N GLU A 371 -8.62 -9.53 7.27
CA GLU A 371 -9.92 -9.79 6.62
C GLU A 371 -9.99 -11.27 6.21
N ALA A 372 -8.84 -11.80 5.73
CA ALA A 372 -8.67 -13.21 5.36
C ALA A 372 -8.81 -14.08 6.60
N LEU A 373 -8.08 -13.75 7.69
CA LEU A 373 -8.14 -14.50 8.95
C LEU A 373 -9.57 -14.67 9.45
N GLU A 374 -10.33 -13.56 9.52
CA GLU A 374 -11.72 -13.54 9.96
C GLU A 374 -12.64 -14.38 9.07
N ASN A 375 -12.60 -14.13 7.75
CA ASN A 375 -13.44 -14.80 6.78
C ASN A 375 -13.04 -16.29 6.48
N THR A 376 -11.93 -16.77 7.08
CA THR A 376 -11.46 -18.17 7.07
C THR A 376 -12.01 -18.88 8.34
N TYR A 377 -12.50 -18.10 9.31
CA TYR A 377 -13.04 -18.63 10.56
C TYR A 377 -14.58 -18.80 10.50
N PRO A 378 -15.09 -20.05 10.68
CA PRO A 378 -16.54 -20.28 10.57
C PRO A 378 -17.43 -19.75 11.69
N ASN A 379 -16.94 -19.75 12.94
CA ASN A 379 -17.71 -19.33 14.12
C ASN A 379 -17.45 -17.87 14.53
N MET A 380 -17.24 -16.98 13.53
CA MET A 380 -16.95 -15.57 13.75
C MET A 380 -18.00 -14.85 14.57
N ILE A 381 -19.29 -14.99 14.21
CA ILE A 381 -20.39 -14.32 14.89
C ILE A 381 -20.59 -14.83 16.32
N LYS A 382 -20.34 -16.14 16.57
CA LYS A 382 -20.42 -16.74 17.90
C LYS A 382 -19.38 -16.08 18.81
N LEU A 383 -18.17 -15.81 18.27
CA LEU A 383 -17.05 -15.16 18.93
C LEU A 383 -17.45 -13.79 19.49
N ILE A 384 -17.94 -12.89 18.61
CA ILE A 384 -18.38 -11.52 18.95
C ILE A 384 -19.53 -11.55 19.95
N ASP A 385 -20.41 -12.56 19.83
CA ASP A 385 -21.54 -12.75 20.72
C ASP A 385 -21.12 -13.23 22.12
N ASN A 386 -20.08 -14.08 22.19
CA ASN A 386 -19.65 -14.66 23.46
C ASN A 386 -18.63 -13.82 24.24
N LEU A 387 -17.83 -12.99 23.55
CA LEU A 387 -16.79 -12.20 24.21
C LEU A 387 -17.08 -10.70 24.22
N GLY A 388 -16.76 -10.06 25.34
CA GLY A 388 -16.93 -8.63 25.55
C GLY A 388 -15.91 -7.80 24.79
N ASN A 389 -16.11 -6.48 24.73
CA ASN A 389 -15.20 -5.59 24.01
C ASN A 389 -13.76 -5.68 24.52
N ALA A 390 -13.58 -5.71 25.87
CA ALA A 390 -12.27 -5.80 26.50
C ALA A 390 -11.58 -7.16 26.27
N GLU A 391 -12.37 -8.25 26.29
CA GLU A 391 -11.89 -9.61 26.04
C GLU A 391 -11.41 -9.75 24.61
N ILE A 392 -12.19 -9.22 23.65
CA ILE A 392 -11.87 -9.29 22.23
C ILE A 392 -10.61 -8.45 21.92
N LYS A 393 -10.37 -7.36 22.67
CA LYS A 393 -9.17 -6.53 22.51
C LYS A 393 -7.95 -7.32 22.97
N LYS A 394 -8.08 -8.01 24.14
CA LYS A 394 -7.07 -8.88 24.76
C LYS A 394 -6.74 -10.01 23.80
N LEU A 395 -7.79 -10.60 23.19
CA LEU A 395 -7.69 -11.68 22.21
C LEU A 395 -6.87 -11.24 20.99
N ILE A 396 -6.95 -9.94 20.61
CA ILE A 396 -6.20 -9.43 19.47
C ILE A 396 -4.73 -9.23 19.84
N LYS A 397 -4.44 -8.79 21.10
CA LYS A 397 -3.06 -8.63 21.56
C LYS A 397 -2.34 -9.99 21.47
N VAL A 398 -2.99 -11.04 22.00
CA VAL A 398 -2.49 -12.43 21.99
C VAL A 398 -2.35 -12.94 20.54
N THR A 399 -3.33 -12.60 19.65
CA THR A 399 -3.30 -12.96 18.23
C THR A 399 -2.07 -12.37 17.55
N GLY A 400 -1.84 -11.08 17.79
CA GLY A 400 -0.71 -10.34 17.25
C GLY A 400 0.63 -10.94 17.62
N TYR A 401 0.78 -11.36 18.88
CA TYR A 401 1.99 -11.99 19.41
C TYR A 401 2.26 -13.29 18.63
N MET A 402 1.23 -14.15 18.51
CA MET A 402 1.25 -15.42 17.78
C MET A 402 1.65 -15.23 16.32
N LEU A 403 1.07 -14.22 15.65
CA LEU A 403 1.35 -13.91 14.25
C LEU A 403 2.80 -13.47 14.05
N VAL A 404 3.33 -12.67 15.00
CA VAL A 404 4.71 -12.17 14.99
C VAL A 404 5.66 -13.35 15.29
N SER A 405 5.26 -14.26 16.21
CA SER A 405 6.01 -15.45 16.62
C SER A 405 6.25 -16.44 15.48
N LYS A 406 5.36 -16.45 14.48
CA LYS A 406 5.44 -17.32 13.30
C LYS A 406 6.70 -17.08 12.47
N LYS A 407 7.30 -18.19 11.94
CA LYS A 407 8.50 -18.25 11.09
C LYS A 407 9.69 -17.45 11.63
N GLN B 16 32.96 -0.24 -28.72
CA GLN B 16 32.16 -0.93 -29.73
C GLN B 16 31.38 -2.13 -29.14
N VAL B 17 31.99 -2.82 -28.14
CA VAL B 17 31.41 -3.99 -27.44
C VAL B 17 30.16 -3.57 -26.65
N ILE B 18 29.03 -4.28 -26.88
CA ILE B 18 27.73 -4.03 -26.24
C ILE B 18 27.46 -5.03 -25.11
N ASP B 19 27.59 -4.59 -23.85
CA ASP B 19 27.32 -5.43 -22.68
C ASP B 19 25.80 -5.46 -22.40
N PRO B 20 25.20 -6.66 -22.26
CA PRO B 20 23.75 -6.73 -21.99
C PRO B 20 23.35 -6.20 -20.61
N THR B 21 24.12 -6.58 -19.57
CA THR B 21 23.90 -6.19 -18.17
C THR B 21 23.98 -4.66 -17.97
N GLU B 22 24.79 -3.97 -18.79
CA GLU B 22 24.95 -2.51 -18.76
C GLU B 22 23.69 -1.84 -19.34
N GLN B 23 23.14 -2.44 -20.42
CA GLN B 23 21.94 -1.99 -21.14
C GLN B 23 20.68 -2.13 -20.27
N LEU B 24 20.70 -3.06 -19.29
CA LEU B 24 19.61 -3.35 -18.37
C LEU B 24 19.21 -2.14 -17.50
N ALA B 25 20.14 -1.20 -17.28
CA ALA B 25 19.92 0.04 -16.53
C ALA B 25 19.00 1.03 -17.27
N TYR B 26 18.61 0.72 -18.51
CA TYR B 26 17.69 1.55 -19.29
C TYR B 26 16.23 1.15 -19.08
N PHE B 27 15.98 -0.14 -18.71
CA PHE B 27 14.65 -0.68 -18.41
C PHE B 27 14.29 -0.28 -16.97
N PRO B 28 13.07 0.25 -16.70
CA PRO B 28 12.73 0.62 -15.31
C PRO B 28 12.40 -0.59 -14.43
N LYS B 29 12.29 -0.36 -13.10
CA LYS B 29 11.93 -1.42 -12.14
C LYS B 29 10.45 -1.75 -12.31
N ILE B 30 10.05 -2.98 -11.97
CA ILE B 30 8.67 -3.43 -12.15
C ILE B 30 7.99 -3.75 -10.81
N THR B 31 6.76 -3.24 -10.64
CA THR B 31 5.86 -3.48 -9.51
C THR B 31 4.72 -4.35 -10.05
N PHE B 32 4.39 -5.43 -9.34
CA PHE B 32 3.36 -6.38 -9.74
C PHE B 32 2.79 -7.13 -8.54
N GLU B 33 1.70 -7.87 -8.76
CA GLU B 33 1.07 -8.71 -7.73
C GLU B 33 0.85 -10.11 -8.30
N ARG B 34 1.38 -11.13 -7.62
CA ARG B 34 1.21 -12.52 -8.01
C ARG B 34 0.07 -13.10 -7.19
N LEU B 35 -0.96 -13.63 -7.88
CA LEU B 35 -2.10 -14.28 -7.25
C LEU B 35 -2.02 -15.77 -7.56
N LYS B 36 -1.38 -16.53 -6.63
CA LYS B 36 -1.18 -17.98 -6.76
C LYS B 36 -2.52 -18.71 -6.70
N ASN B 37 -2.74 -19.61 -7.68
CA ASN B 37 -3.96 -20.41 -7.79
C ASN B 37 -3.88 -21.57 -6.82
N TYR B 38 -4.82 -21.61 -5.86
CA TYR B 38 -4.85 -22.64 -4.82
C TYR B 38 -5.92 -23.69 -5.08
N ASP B 39 -5.49 -24.96 -5.00
CA ASP B 39 -6.28 -26.19 -5.17
C ASP B 39 -7.42 -26.31 -4.17
N THR B 40 -7.27 -25.66 -2.98
CA THR B 40 -8.20 -25.64 -1.83
C THR B 40 -9.69 -25.48 -2.22
N SER B 41 -10.00 -24.75 -3.35
CA SER B 41 -11.35 -24.45 -3.85
C SER B 41 -12.25 -23.86 -2.75
N SER B 42 -11.65 -22.97 -1.93
CA SER B 42 -12.29 -22.27 -0.82
C SER B 42 -11.69 -20.87 -0.63
N ASN B 43 -12.30 -19.89 -1.31
CA ASN B 43 -11.93 -18.48 -1.24
C ASN B 43 -12.89 -17.74 -0.31
N TYR B 44 -12.35 -16.94 0.62
CA TYR B 44 -13.11 -16.18 1.60
C TYR B 44 -13.90 -15.01 0.98
N ALA B 45 -14.93 -14.52 1.69
CA ALA B 45 -15.74 -13.39 1.26
C ALA B 45 -15.03 -12.09 1.64
N LYS B 46 -14.62 -11.31 0.63
CA LYS B 46 -13.88 -10.06 0.81
C LYS B 46 -14.60 -8.83 0.25
N GLY B 47 -14.13 -7.66 0.68
CA GLY B 47 -14.63 -6.37 0.23
C GLY B 47 -14.01 -5.91 -1.08
N LYS B 48 -14.39 -4.70 -1.51
CA LYS B 48 -13.97 -4.14 -2.78
C LYS B 48 -13.15 -2.86 -2.55
N LEU B 49 -12.15 -2.61 -3.43
CA LEU B 49 -11.31 -1.41 -3.39
C LEU B 49 -11.57 -0.59 -4.64
N THR B 50 -12.11 0.62 -4.42
CA THR B 50 -12.44 1.55 -5.48
C THR B 50 -11.83 2.93 -5.24
N ARG B 51 -11.32 3.52 -6.33
CA ARG B 51 -10.77 4.86 -6.45
C ARG B 51 -10.93 5.20 -7.91
N ASN B 52 -11.79 6.17 -8.21
CA ASN B 52 -12.04 6.55 -9.59
C ASN B 52 -11.06 7.64 -10.00
N TYR B 53 -10.00 7.24 -10.73
CA TYR B 53 -9.01 8.21 -11.20
C TYR B 53 -9.54 8.85 -12.47
N MET B 54 -9.73 10.18 -12.44
CA MET B 54 -10.20 10.89 -13.62
C MET B 54 -9.05 11.12 -14.60
N ILE B 55 -8.61 10.03 -15.24
CA ILE B 55 -7.53 10.04 -16.23
C ILE B 55 -8.02 9.57 -17.59
N LEU B 56 -7.51 10.22 -18.65
CA LEU B 56 -7.83 9.93 -20.04
C LEU B 56 -6.58 9.49 -20.83
N LEU B 57 -5.37 9.76 -20.30
CA LEU B 57 -4.09 9.46 -20.97
C LEU B 57 -3.41 8.16 -20.52
N PRO B 58 -2.72 7.45 -21.45
CA PRO B 58 -2.01 6.21 -21.06
C PRO B 58 -0.73 6.48 -20.26
N TRP B 59 -0.89 6.79 -18.97
CA TRP B 59 0.21 7.11 -18.06
C TRP B 59 1.17 5.93 -17.81
N GLN B 60 0.81 4.71 -18.24
CA GLN B 60 1.66 3.52 -18.07
C GLN B 60 2.95 3.60 -18.91
N HIS B 61 3.01 4.60 -19.80
CA HIS B 61 4.12 4.89 -20.70
C HIS B 61 5.13 5.93 -20.14
N VAL B 62 4.88 6.52 -18.93
CA VAL B 62 5.78 7.51 -18.32
C VAL B 62 7.21 7.01 -18.21
N ASN B 63 7.43 5.82 -17.61
CA ASN B 63 8.78 5.29 -17.43
C ASN B 63 9.29 4.51 -18.65
N ARG B 64 8.78 4.81 -19.86
CA ARG B 64 9.16 4.11 -21.10
C ARG B 64 9.90 4.95 -22.16
N TYR B 65 10.36 6.17 -21.79
CA TYR B 65 11.05 7.13 -22.68
C TYR B 65 12.30 6.57 -23.41
N ASN B 66 13.03 5.61 -22.79
CA ASN B 66 14.24 5.00 -23.33
C ASN B 66 14.00 3.97 -24.46
N PHE B 67 12.73 3.80 -24.92
CA PHE B 67 12.37 2.80 -25.92
C PHE B 67 11.48 3.39 -27.02
N VAL B 68 11.62 2.87 -28.25
CA VAL B 68 10.96 3.43 -29.43
C VAL B 68 9.85 2.59 -30.06
N PHE B 69 10.19 1.41 -30.58
CA PHE B 69 9.24 0.58 -31.35
C PHE B 69 8.34 -0.33 -30.53
N SER B 70 8.78 -0.68 -29.31
CA SER B 70 8.12 -1.60 -28.40
C SER B 70 8.68 -1.31 -27.02
N SER B 71 7.87 -1.47 -25.97
CA SER B 71 8.31 -1.19 -24.61
C SER B 71 7.72 -2.17 -23.58
N THR B 72 7.35 -3.40 -24.04
CA THR B 72 6.76 -4.48 -23.23
C THR B 72 7.64 -4.86 -22.02
N GLY B 73 8.95 -4.67 -22.15
CA GLY B 73 9.94 -4.90 -21.10
C GLY B 73 9.84 -3.94 -19.93
N CYS B 74 9.23 -2.74 -20.15
CA CYS B 74 9.03 -1.76 -19.08
C CYS B 74 7.91 -2.24 -18.09
N LYS B 75 6.99 -3.08 -18.59
CA LYS B 75 5.81 -3.63 -17.94
C LYS B 75 6.00 -5.03 -17.36
N VAL B 76 6.50 -5.98 -18.15
CA VAL B 76 6.70 -7.36 -17.73
C VAL B 76 8.19 -7.76 -17.86
N SER B 77 8.68 -8.59 -16.93
CA SER B 77 10.07 -9.06 -16.84
C SER B 77 10.08 -10.48 -16.35
N LEU B 78 10.95 -11.32 -16.90
CA LEU B 78 11.00 -12.71 -16.46
C LEU B 78 11.73 -12.89 -15.13
N LYS B 79 12.82 -12.14 -14.91
CA LYS B 79 13.60 -12.19 -13.68
C LYS B 79 12.79 -11.70 -12.48
N THR B 80 11.95 -10.66 -12.71
CA THR B 80 11.11 -10.09 -11.65
C THR B 80 9.94 -10.99 -11.30
N CYS B 81 9.08 -11.29 -12.29
CA CYS B 81 7.87 -12.09 -12.16
C CYS B 81 8.11 -13.56 -11.93
N ILE B 82 8.97 -14.21 -12.74
CA ILE B 82 9.17 -15.67 -12.64
C ILE B 82 10.66 -16.08 -12.52
N GLY B 83 11.42 -15.30 -11.75
CA GLY B 83 12.85 -15.50 -11.46
C GLY B 83 13.22 -16.85 -10.88
N LYS B 84 12.40 -17.37 -9.94
CA LYS B 84 12.58 -18.69 -9.32
C LYS B 84 12.42 -19.81 -10.35
N LEU B 85 11.39 -19.75 -11.21
CA LEU B 85 11.15 -20.76 -12.26
C LEU B 85 12.30 -20.76 -13.30
N MET B 86 12.81 -19.56 -13.64
CA MET B 86 13.93 -19.35 -14.57
C MET B 86 15.25 -19.96 -14.01
N LYS B 87 15.40 -19.94 -12.67
CA LYS B 87 16.52 -20.52 -11.92
C LYS B 87 16.37 -22.04 -11.88
N ASP B 88 15.21 -22.56 -11.39
CA ASP B 88 14.90 -24.00 -11.28
C ASP B 88 14.95 -24.65 -12.64
N LEU B 89 14.05 -24.26 -13.54
CA LEU B 89 14.11 -24.73 -14.91
C LEU B 89 15.08 -23.75 -15.55
N ASN B 90 16.37 -24.10 -15.60
CA ASN B 90 17.37 -23.24 -16.23
C ASN B 90 17.24 -23.47 -17.75
N PRO B 91 16.54 -22.58 -18.49
CA PRO B 91 16.37 -22.85 -19.93
C PRO B 91 17.54 -22.35 -20.77
N LYS B 92 17.94 -23.18 -21.71
CA LYS B 92 19.05 -22.83 -22.60
C LYS B 92 18.50 -21.93 -23.71
N VAL B 93 17.24 -22.19 -24.13
CA VAL B 93 16.51 -21.47 -25.17
C VAL B 93 15.13 -21.07 -24.62
N LEU B 94 14.67 -19.85 -24.98
CA LEU B 94 13.33 -19.33 -24.65
C LEU B 94 12.55 -19.08 -25.95
N TYR B 95 11.24 -19.38 -25.94
CA TYR B 95 10.38 -19.21 -27.12
C TYR B 95 9.43 -18.02 -26.96
N PHE B 96 9.62 -16.96 -27.79
CA PHE B 96 8.80 -15.74 -27.75
C PHE B 96 7.87 -15.68 -28.95
N ILE B 97 6.56 -15.76 -28.69
CA ILE B 97 5.50 -15.69 -29.72
C ILE B 97 4.68 -14.40 -29.54
N GLY B 98 4.22 -13.81 -30.66
CA GLY B 98 3.49 -12.54 -30.72
C GLY B 98 4.26 -11.38 -30.08
N GLU B 99 5.59 -11.40 -30.29
CA GLU B 99 6.59 -10.52 -29.68
C GLU B 99 6.77 -9.12 -30.33
N GLY B 100 6.32 -8.93 -31.58
CA GLY B 100 6.46 -7.65 -32.27
C GLY B 100 7.91 -7.20 -32.39
N ALA B 101 8.23 -5.95 -31.99
CA ALA B 101 9.62 -5.45 -32.06
C ALA B 101 10.58 -6.10 -31.03
N GLY B 102 10.05 -7.01 -30.21
CA GLY B 102 10.80 -7.80 -29.24
C GLY B 102 11.48 -7.08 -28.08
N ASN B 103 10.77 -6.14 -27.42
CA ASN B 103 11.33 -5.40 -26.29
C ASN B 103 11.32 -6.22 -25.01
N TRP B 104 10.35 -7.14 -24.88
CA TRP B 104 10.26 -8.03 -23.74
C TRP B 104 11.44 -9.00 -23.82
N MET B 105 11.64 -9.59 -25.03
CA MET B 105 12.76 -10.49 -25.36
C MET B 105 14.09 -9.78 -25.15
N ALA B 106 14.18 -8.48 -25.55
CA ALA B 106 15.38 -7.69 -25.38
C ALA B 106 15.73 -7.55 -23.90
N ARG B 107 14.74 -7.28 -23.01
CA ARG B 107 14.97 -7.18 -21.57
C ARG B 107 15.50 -8.49 -21.02
N THR B 108 14.90 -9.63 -21.45
CA THR B 108 15.26 -10.99 -21.06
C THR B 108 16.73 -11.28 -21.40
N ALA B 109 17.20 -10.80 -22.58
CA ALA B 109 18.56 -10.95 -23.08
C ALA B 109 19.59 -10.24 -22.20
N CYS B 110 19.16 -9.16 -21.52
CA CYS B 110 19.96 -8.36 -20.61
C CYS B 110 20.00 -8.99 -19.21
N GLU B 111 18.88 -9.60 -18.78
CA GLU B 111 18.76 -10.24 -17.46
C GLU B 111 19.42 -11.61 -17.46
N TYR B 112 19.38 -12.30 -18.61
CA TYR B 112 19.90 -13.65 -18.78
C TYR B 112 20.83 -13.63 -20.00
N PRO B 113 22.12 -13.23 -19.83
CA PRO B 113 23.01 -13.03 -20.99
C PRO B 113 23.47 -14.26 -21.77
N ASP B 114 23.14 -15.47 -21.31
CA ASP B 114 23.57 -16.71 -21.99
C ASP B 114 22.42 -17.45 -22.70
N ILE B 115 21.16 -16.97 -22.54
CA ILE B 115 20.00 -17.62 -23.15
C ILE B 115 19.88 -17.25 -24.63
N LYS B 116 19.57 -18.25 -25.46
CA LYS B 116 19.31 -18.09 -26.89
C LYS B 116 17.79 -17.98 -27.07
N PHE B 117 17.32 -17.43 -28.21
CA PHE B 117 15.88 -17.22 -28.43
C PHE B 117 15.32 -17.74 -29.74
N VAL B 118 14.02 -18.07 -29.73
CA VAL B 118 13.24 -18.47 -30.91
C VAL B 118 12.09 -17.48 -30.94
N TYR B 119 12.12 -16.60 -31.93
CA TYR B 119 11.15 -15.53 -32.08
C TYR B 119 10.13 -15.84 -33.18
N ARG B 120 8.87 -15.47 -32.88
CA ARG B 120 7.70 -15.55 -33.75
C ARG B 120 6.85 -14.31 -33.51
N SER B 121 6.23 -13.81 -34.58
CA SER B 121 5.29 -12.70 -34.61
C SER B 121 4.58 -12.73 -35.96
N LEU B 122 3.24 -12.55 -35.96
CA LEU B 122 2.40 -12.56 -37.16
C LEU B 122 2.92 -11.63 -38.24
N LYS B 123 3.10 -12.18 -39.47
CA LYS B 123 3.64 -11.49 -40.64
C LYS B 123 2.59 -10.66 -41.39
N ASP B 124 2.41 -9.39 -40.97
CA ASP B 124 1.46 -8.47 -41.60
C ASP B 124 1.92 -6.99 -41.54
N ASP B 125 1.23 -6.12 -42.33
CA ASP B 125 1.50 -4.67 -42.42
C ASP B 125 1.12 -3.94 -41.14
N LEU B 126 0.12 -4.47 -40.40
CA LEU B 126 -0.41 -3.90 -39.17
C LEU B 126 0.57 -3.91 -37.99
N ASP B 127 1.49 -4.88 -37.88
CA ASP B 127 2.44 -4.87 -36.75
C ASP B 127 3.85 -5.33 -37.17
N HIS B 128 4.84 -5.06 -36.30
CA HIS B 128 6.25 -5.43 -36.50
C HIS B 128 6.37 -6.95 -36.47
N HIS B 129 6.97 -7.52 -37.51
CA HIS B 129 7.20 -8.96 -37.64
C HIS B 129 8.71 -9.27 -37.71
N TYR B 130 9.51 -8.34 -37.16
CA TYR B 130 10.96 -8.36 -37.04
C TYR B 130 11.38 -7.67 -35.72
N PRO B 131 12.30 -8.26 -34.90
CA PRO B 131 12.65 -7.64 -33.62
C PRO B 131 13.52 -6.38 -33.71
N LEU B 132 12.91 -5.24 -34.10
CA LEU B 132 13.58 -3.94 -34.22
C LEU B 132 14.18 -3.45 -32.89
N GLU B 133 13.39 -3.49 -31.80
CA GLU B 133 13.83 -3.07 -30.46
C GLU B 133 14.93 -3.93 -29.89
N TYR B 134 14.91 -5.25 -30.19
CA TYR B 134 15.94 -6.18 -29.73
C TYR B 134 17.27 -5.74 -30.29
N GLN B 135 17.30 -5.50 -31.63
CA GLN B 135 18.46 -5.06 -32.40
C GLN B 135 19.02 -3.77 -31.82
N ARG B 136 18.16 -2.77 -31.54
CA ARG B 136 18.58 -1.48 -31.00
C ARG B 136 19.19 -1.60 -29.60
N VAL B 137 18.71 -2.56 -28.80
CA VAL B 137 19.15 -2.78 -27.42
C VAL B 137 20.41 -3.67 -27.35
N ILE B 138 20.36 -4.88 -27.94
CA ILE B 138 21.45 -5.85 -27.92
C ILE B 138 22.57 -5.52 -28.95
N GLY B 139 22.19 -5.02 -30.13
CA GLY B 139 23.15 -4.64 -31.16
C GLY B 139 23.14 -5.55 -32.36
N GLU B 140 23.08 -6.87 -32.11
CA GLU B 140 23.08 -7.91 -33.14
C GLU B 140 22.09 -9.03 -32.81
N LEU B 141 21.56 -9.69 -33.85
CA LEU B 141 20.59 -10.78 -33.73
C LEU B 141 21.25 -12.18 -33.58
N SER B 142 22.53 -12.23 -33.14
CA SER B 142 23.29 -13.47 -33.01
C SER B 142 22.64 -14.52 -32.10
N ARG B 143 22.04 -14.06 -30.97
CA ARG B 143 21.38 -14.93 -29.97
C ARG B 143 19.99 -15.39 -30.39
N ILE B 144 19.40 -14.76 -31.44
CA ILE B 144 18.12 -15.17 -31.99
C ILE B 144 18.45 -16.23 -33.05
N ILE B 145 18.48 -17.49 -32.60
CA ILE B 145 18.84 -18.64 -33.42
C ILE B 145 17.76 -18.96 -34.47
N ASP B 146 16.54 -18.44 -34.28
CA ASP B 146 15.40 -18.60 -35.18
C ASP B 146 14.53 -17.33 -35.09
N SER B 147 14.61 -16.47 -36.11
CA SER B 147 13.86 -15.21 -36.17
C SER B 147 12.62 -15.34 -37.07
N GLY B 148 12.34 -16.56 -37.49
CA GLY B 148 11.19 -16.87 -38.34
C GLY B 148 11.35 -16.43 -39.78
N GLU B 149 12.61 -16.36 -40.26
CA GLU B 149 12.94 -15.96 -41.63
C GLU B 149 12.45 -16.99 -42.65
N GLY B 150 11.84 -16.50 -43.71
CA GLY B 150 11.32 -17.34 -44.78
C GLY B 150 10.09 -18.16 -44.42
N LEU B 151 9.26 -17.63 -43.48
CA LEU B 151 8.01 -18.26 -43.05
C LEU B 151 6.82 -17.48 -43.58
N SER B 152 5.71 -18.19 -43.82
CA SER B 152 4.45 -17.60 -44.32
C SER B 152 3.72 -16.91 -43.18
N MET B 153 2.60 -16.23 -43.49
CA MET B 153 1.78 -15.57 -42.48
C MET B 153 1.11 -16.63 -41.60
N GLU B 154 0.75 -17.77 -42.22
CA GLU B 154 0.12 -18.92 -41.59
C GLU B 154 1.06 -19.61 -40.59
N THR B 155 2.36 -19.68 -40.93
CA THR B 155 3.36 -20.33 -40.07
C THR B 155 3.90 -19.39 -38.96
N THR B 156 3.44 -18.13 -38.94
CA THR B 156 3.80 -17.12 -37.93
C THR B 156 2.60 -16.77 -37.03
N ASP B 157 1.44 -17.38 -37.34
CA ASP B 157 0.18 -17.23 -36.60
C ASP B 157 0.08 -18.34 -35.54
N ALA B 158 0.13 -17.96 -34.25
CA ALA B 158 0.07 -18.89 -33.11
C ALA B 158 -1.30 -19.62 -32.97
N THR B 159 -2.30 -19.21 -33.77
CA THR B 159 -3.63 -19.84 -33.81
C THR B 159 -3.67 -20.97 -34.86
N GLN B 160 -2.56 -21.14 -35.63
CA GLN B 160 -2.42 -22.16 -36.67
C GLN B 160 -1.48 -23.28 -36.23
N LYS B 161 -1.81 -24.53 -36.62
CA LYS B 161 -1.05 -25.73 -36.28
C LYS B 161 0.37 -25.69 -36.83
N THR B 162 0.53 -25.23 -38.10
CA THR B 162 1.80 -25.16 -38.82
C THR B 162 2.87 -24.32 -38.08
N HIS B 163 2.45 -23.29 -37.31
CA HIS B 163 3.33 -22.43 -36.50
C HIS B 163 4.05 -23.29 -35.45
N TRP B 164 3.29 -24.19 -34.82
CA TRP B 164 3.79 -25.07 -33.76
C TRP B 164 4.60 -26.23 -34.31
N ASP B 165 4.22 -26.76 -35.49
CA ASP B 165 4.93 -27.88 -36.14
C ASP B 165 6.36 -27.47 -36.50
N LEU B 166 6.54 -26.23 -36.99
CA LEU B 166 7.84 -25.69 -37.40
C LEU B 166 8.56 -24.89 -36.30
N ILE B 167 8.15 -25.04 -35.04
CA ILE B 167 8.80 -24.30 -33.94
C ILE B 167 10.21 -24.86 -33.64
N HIS B 168 10.46 -26.12 -34.01
CA HIS B 168 11.73 -26.77 -33.73
C HIS B 168 12.66 -26.88 -34.96
N ARG B 169 12.39 -26.10 -36.03
CA ARG B 169 13.20 -26.12 -37.26
C ARG B 169 14.69 -25.77 -37.04
N VAL B 170 15.00 -25.00 -35.98
CA VAL B 170 16.38 -24.66 -35.61
C VAL B 170 16.63 -25.21 -34.20
N SER B 171 15.87 -24.74 -33.19
CA SER B 171 16.03 -25.16 -31.80
C SER B 171 15.51 -26.57 -31.53
N LYS B 172 16.32 -27.38 -30.86
CA LYS B 172 15.95 -28.74 -30.53
C LYS B 172 15.73 -28.90 -29.02
N ASP B 173 15.72 -27.77 -28.31
CA ASP B 173 15.45 -27.68 -26.88
C ASP B 173 13.93 -27.68 -26.67
N ALA B 174 13.47 -28.27 -25.53
CA ALA B 174 12.04 -28.31 -25.20
C ALA B 174 11.49 -26.92 -24.85
N LEU B 175 10.18 -26.73 -25.05
CA LEU B 175 9.43 -25.51 -24.76
C LEU B 175 9.16 -25.43 -23.23
N LEU B 176 10.23 -25.24 -22.44
CA LEU B 176 10.15 -25.16 -20.98
C LEU B 176 9.37 -23.92 -20.58
N ILE B 177 9.74 -22.76 -21.15
CA ILE B 177 9.05 -21.50 -20.90
C ILE B 177 8.78 -20.84 -22.25
N THR B 178 7.49 -20.72 -22.61
CA THR B 178 7.00 -20.10 -23.84
C THR B 178 6.34 -18.77 -23.44
N LEU B 179 6.80 -17.68 -24.04
CA LEU B 179 6.31 -16.34 -23.72
C LEU B 179 5.41 -15.82 -24.82
N CYS B 180 4.20 -15.41 -24.45
CA CYS B 180 3.24 -14.89 -25.40
C CYS B 180 2.69 -13.55 -24.98
N ASP B 181 2.91 -12.54 -25.82
CA ASP B 181 2.44 -11.17 -25.60
C ASP B 181 1.56 -10.75 -26.81
N ALA B 182 0.95 -11.74 -27.47
CA ALA B 182 0.08 -11.49 -28.62
C ALA B 182 -1.26 -10.92 -28.20
N GLU B 183 -1.85 -10.08 -29.06
CA GLU B 183 -3.17 -9.51 -28.87
C GLU B 183 -4.10 -10.29 -29.80
N PHE B 184 -5.13 -10.92 -29.21
CA PHE B 184 -6.08 -11.70 -30.01
C PHE B 184 -7.40 -10.94 -30.19
N LYS B 185 -8.17 -11.30 -31.24
CA LYS B 185 -9.48 -10.72 -31.56
C LYS B 185 -10.48 -11.15 -30.48
N ASP B 186 -10.84 -12.44 -30.46
CA ASP B 186 -11.75 -13.01 -29.48
C ASP B 186 -10.94 -13.81 -28.47
N ARG B 187 -11.62 -14.30 -27.40
CA ARG B 187 -11.03 -15.18 -26.41
C ARG B 187 -10.89 -16.56 -27.07
N ASP B 188 -11.68 -16.80 -28.16
CA ASP B 188 -11.68 -18.04 -28.94
C ASP B 188 -10.35 -18.22 -29.63
N ASP B 189 -9.76 -17.11 -30.13
CA ASP B 189 -8.43 -17.11 -30.75
C ASP B 189 -7.36 -17.43 -29.71
N PHE B 190 -7.50 -16.87 -28.49
CA PHE B 190 -6.61 -17.12 -27.37
C PHE B 190 -6.65 -18.61 -27.04
N PHE B 191 -7.85 -19.18 -26.99
CA PHE B 191 -8.10 -20.60 -26.73
C PHE B 191 -7.48 -21.47 -27.82
N LYS B 192 -7.55 -21.03 -29.12
CA LYS B 192 -6.96 -21.75 -30.25
C LYS B 192 -5.46 -21.99 -30.02
N MET B 193 -4.77 -20.93 -29.58
CA MET B 193 -3.35 -20.89 -29.27
C MET B 193 -3.05 -21.81 -28.09
N VAL B 194 -3.81 -21.65 -26.98
CA VAL B 194 -3.62 -22.43 -25.74
C VAL B 194 -3.77 -23.91 -26.05
N ILE B 195 -4.81 -24.28 -26.83
CA ILE B 195 -5.06 -25.65 -27.25
C ILE B 195 -3.88 -26.18 -28.08
N LEU B 196 -3.42 -25.39 -29.07
CA LEU B 196 -2.30 -25.78 -29.92
C LEU B 196 -0.98 -25.93 -29.17
N TRP B 197 -0.75 -25.09 -28.13
CA TRP B 197 0.44 -25.20 -27.29
C TRP B 197 0.41 -26.57 -26.62
N ARG B 198 -0.73 -26.91 -25.98
CA ARG B 198 -0.96 -28.17 -25.29
C ARG B 198 -0.76 -29.35 -26.23
N LYS B 199 -1.41 -29.30 -27.43
CA LYS B 199 -1.32 -30.34 -28.45
C LYS B 199 0.14 -30.59 -28.81
N HIS B 200 0.93 -29.52 -28.97
CA HIS B 200 2.36 -29.64 -29.24
C HIS B 200 3.13 -30.26 -28.07
N VAL B 201 3.14 -29.60 -26.89
CA VAL B 201 3.89 -30.07 -25.72
C VAL B 201 3.52 -31.53 -25.30
N LEU B 202 2.40 -32.08 -25.80
CA LEU B 202 2.00 -33.46 -25.51
C LEU B 202 2.30 -34.44 -26.67
N SER B 203 2.44 -33.91 -27.90
CA SER B 203 2.74 -34.71 -29.09
C SER B 203 4.24 -34.73 -29.43
N CYS B 204 4.89 -33.55 -29.42
CA CYS B 204 6.28 -33.31 -29.77
C CYS B 204 7.30 -34.17 -29.02
N ARG B 205 8.05 -35.01 -29.79
CA ARG B 205 9.13 -35.91 -29.39
C ARG B 205 10.11 -35.24 -28.39
N ILE B 206 10.58 -34.01 -28.72
CA ILE B 206 11.52 -33.21 -27.93
C ILE B 206 10.92 -32.82 -26.58
N CYS B 207 9.71 -32.23 -26.61
CA CYS B 207 9.00 -31.69 -25.45
C CYS B 207 8.46 -32.77 -24.51
N THR B 208 7.86 -33.86 -25.07
CA THR B 208 7.28 -35.00 -24.35
C THR B 208 8.24 -35.56 -23.30
N THR B 209 9.55 -35.44 -23.54
CA THR B 209 10.62 -35.88 -22.68
C THR B 209 10.60 -35.17 -21.30
N TYR B 210 10.35 -33.85 -21.26
CA TYR B 210 10.28 -33.07 -20.00
C TYR B 210 8.98 -33.26 -19.22
N GLY B 211 7.97 -33.84 -19.86
CA GLY B 211 6.69 -34.13 -19.25
C GLY B 211 5.78 -32.94 -19.02
N THR B 212 5.11 -32.92 -17.86
CA THR B 212 4.15 -31.90 -17.48
C THR B 212 4.82 -30.59 -17.01
N ASP B 213 6.14 -30.60 -16.76
CA ASP B 213 6.84 -29.40 -16.28
C ASP B 213 7.23 -28.45 -17.41
N LEU B 214 6.21 -28.00 -18.17
CA LEU B 214 6.35 -27.07 -19.30
C LEU B 214 5.37 -25.92 -19.06
N TYR B 215 5.82 -24.68 -19.32
CA TYR B 215 5.06 -23.48 -19.03
C TYR B 215 4.82 -22.55 -20.21
N LEU B 216 3.66 -21.87 -20.16
CA LEU B 216 3.19 -20.86 -21.11
C LEU B 216 2.76 -19.62 -20.31
N PHE B 217 3.54 -18.56 -20.39
CA PHE B 217 3.29 -17.30 -19.71
C PHE B 217 2.70 -16.30 -20.71
N ALA B 218 1.38 -16.38 -20.93
CA ALA B 218 0.64 -15.56 -21.88
C ALA B 218 -0.13 -14.39 -21.28
N LYS B 219 -0.25 -13.31 -22.07
CA LYS B 219 -1.01 -12.10 -21.77
C LYS B 219 -2.49 -12.43 -21.98
N TYR B 220 -3.34 -12.08 -21.02
CA TYR B 220 -4.76 -12.38 -21.07
C TYR B 220 -5.58 -11.22 -20.51
N HIS B 221 -6.74 -10.95 -21.12
CA HIS B 221 -7.64 -9.90 -20.63
C HIS B 221 -8.76 -10.58 -19.88
N ALA B 222 -8.78 -10.39 -18.55
CA ALA B 222 -9.77 -10.96 -17.65
C ALA B 222 -11.12 -10.26 -17.79
N LYS B 223 -11.89 -10.69 -18.79
CA LYS B 223 -13.18 -10.12 -19.12
C LYS B 223 -14.27 -10.73 -18.23
N ASP B 224 -14.58 -12.02 -18.43
CA ASP B 224 -15.66 -12.69 -17.69
C ASP B 224 -15.22 -13.27 -16.36
N CYS B 225 -15.94 -14.32 -15.91
CA CYS B 225 -15.71 -15.01 -14.64
C CYS B 225 -16.15 -16.47 -14.75
N ASN B 226 -15.50 -17.34 -13.96
CA ASN B 226 -15.74 -18.79 -13.91
C ASN B 226 -15.66 -19.45 -15.30
N VAL B 227 -14.64 -19.05 -16.09
CA VAL B 227 -14.34 -19.55 -17.43
C VAL B 227 -13.27 -20.63 -17.28
N LYS B 228 -13.60 -21.84 -17.74
CA LYS B 228 -12.69 -22.98 -17.65
C LYS B 228 -11.65 -22.93 -18.76
N LEU B 229 -10.38 -23.15 -18.40
CA LEU B 229 -9.25 -23.23 -19.32
C LEU B 229 -9.40 -24.53 -20.12
N PRO B 230 -8.74 -24.71 -21.29
CA PRO B 230 -8.89 -26.00 -22.01
C PRO B 230 -8.47 -27.21 -21.15
N PHE B 231 -8.85 -28.42 -21.58
CA PHE B 231 -8.52 -29.64 -20.84
C PHE B 231 -7.02 -29.80 -20.68
N PHE B 232 -6.61 -30.30 -19.51
CA PHE B 232 -5.22 -30.54 -19.07
C PHE B 232 -4.36 -29.26 -19.02
N VAL B 233 -4.99 -28.07 -19.01
CA VAL B 233 -4.27 -26.79 -18.92
C VAL B 233 -4.71 -26.12 -17.63
N ARG B 234 -3.77 -25.96 -16.70
CA ARG B 234 -3.93 -25.45 -15.35
C ARG B 234 -3.09 -24.21 -15.16
N SER B 235 -3.72 -23.14 -14.66
CA SER B 235 -3.08 -21.87 -14.35
C SER B 235 -2.37 -22.00 -12.99
N VAL B 236 -1.09 -21.63 -12.94
CA VAL B 236 -0.28 -21.67 -11.73
C VAL B 236 -0.49 -20.38 -10.92
N ALA B 237 -0.38 -19.22 -11.58
CA ALA B 237 -0.50 -17.91 -10.94
C ALA B 237 -0.96 -16.85 -11.94
N THR B 238 -1.44 -15.70 -11.43
CA THR B 238 -1.88 -14.56 -12.22
C THR B 238 -1.07 -13.33 -11.81
N PHE B 239 -0.48 -12.65 -12.80
CA PHE B 239 0.37 -11.49 -12.59
C PHE B 239 -0.32 -10.24 -13.07
N ILE B 240 -0.48 -9.27 -12.15
CA ILE B 240 -1.11 -7.98 -12.42
C ILE B 240 0.02 -6.98 -12.41
N MET B 241 0.25 -6.34 -13.57
CA MET B 241 1.35 -5.40 -13.74
C MET B 241 0.94 -3.95 -13.58
N GLN B 242 1.81 -3.15 -12.96
CA GLN B 242 1.63 -1.70 -12.83
C GLN B 242 1.66 -1.08 -14.25
N GLY B 243 2.48 -1.66 -15.13
CA GLY B 243 2.65 -1.19 -16.50
C GLY B 243 1.44 -1.36 -17.40
N SER B 244 0.47 -2.21 -17.01
CA SER B 244 -0.76 -2.45 -17.79
C SER B 244 -1.67 -1.22 -17.67
N LYS B 245 -2.46 -0.94 -18.73
CA LYS B 245 -3.40 0.18 -18.76
C LYS B 245 -4.39 0.02 -17.61
N LEU B 246 -4.58 1.11 -16.83
CA LEU B 246 -5.45 1.15 -15.66
C LEU B 246 -6.88 0.76 -15.97
N SER B 247 -7.42 1.29 -17.09
CA SER B 247 -8.80 1.09 -17.53
C SER B 247 -9.19 -0.37 -17.74
N GLY B 248 -8.35 -1.14 -18.42
CA GLY B 248 -8.66 -2.53 -18.77
C GLY B 248 -8.62 -3.53 -17.65
N SER B 249 -8.43 -4.79 -18.03
CA SER B 249 -8.32 -5.92 -17.11
C SER B 249 -7.27 -6.92 -17.64
N GLU B 250 -6.16 -6.35 -18.18
CA GLU B 250 -5.03 -7.08 -18.71
C GLU B 250 -4.20 -7.67 -17.58
N CYS B 251 -3.79 -8.91 -17.74
CA CYS B 251 -2.96 -9.63 -16.77
C CYS B 251 -2.13 -10.70 -17.49
N TYR B 252 -1.12 -11.22 -16.81
CA TYR B 252 -0.26 -12.26 -17.37
C TYR B 252 -0.46 -13.52 -16.59
N ILE B 253 -0.93 -14.56 -17.25
CA ILE B 253 -1.16 -15.84 -16.62
C ILE B 253 -0.07 -16.85 -16.92
N LEU B 254 0.39 -17.56 -15.89
CA LEU B 254 1.41 -18.59 -16.02
C LEU B 254 0.69 -19.94 -16.04
N LEU B 255 0.61 -20.55 -17.22
CA LEU B 255 -0.08 -21.83 -17.39
C LEU B 255 0.91 -22.98 -17.45
N THR B 256 0.43 -24.20 -17.14
CA THR B 256 1.19 -25.45 -17.16
C THR B 256 0.26 -26.61 -17.49
N LEU B 257 0.79 -27.82 -17.67
CA LEU B 257 -0.03 -28.99 -17.90
C LEU B 257 -0.46 -29.54 -16.54
N GLY B 258 -1.74 -29.89 -16.43
CA GLY B 258 -2.33 -30.42 -15.21
C GLY B 258 -3.84 -30.35 -15.22
N HIS B 259 -4.51 -30.93 -14.20
CA HIS B 259 -5.98 -30.92 -14.08
C HIS B 259 -6.47 -29.48 -14.13
N HIS B 260 -7.21 -29.14 -15.21
CA HIS B 260 -7.65 -27.80 -15.54
C HIS B 260 -8.38 -27.05 -14.44
N ASN B 261 -8.24 -25.71 -14.47
CA ASN B 261 -8.87 -24.77 -13.55
C ASN B 261 -9.46 -23.58 -14.31
N ASN B 262 -9.80 -22.52 -13.58
CA ASN B 262 -10.44 -21.33 -14.15
C ASN B 262 -9.48 -20.20 -14.48
N LEU B 263 -9.79 -19.47 -15.56
CA LEU B 263 -9.08 -18.27 -16.00
C LEU B 263 -9.33 -17.16 -14.96
N PRO B 264 -8.40 -16.19 -14.78
CA PRO B 264 -8.66 -15.10 -13.83
C PRO B 264 -9.91 -14.31 -14.17
N CYS B 265 -10.68 -13.98 -13.14
CA CYS B 265 -11.92 -13.23 -13.25
C CYS B 265 -11.67 -11.75 -13.12
N HIS B 266 -12.49 -10.96 -13.83
CA HIS B 266 -12.47 -9.50 -13.82
C HIS B 266 -12.41 -8.92 -12.39
N GLY B 267 -13.22 -9.51 -11.50
CA GLY B 267 -13.32 -9.17 -10.09
C GLY B 267 -12.00 -9.17 -9.36
N GLU B 268 -11.34 -10.37 -9.24
CA GLU B 268 -10.03 -10.56 -8.57
C GLU B 268 -8.97 -9.55 -9.04
N ILE B 269 -8.94 -9.30 -10.35
CA ILE B 269 -8.00 -8.40 -10.99
C ILE B 269 -8.18 -6.99 -10.49
N GLN B 270 -9.39 -6.41 -10.67
CA GLN B 270 -9.73 -5.02 -10.33
C GLN B 270 -9.25 -4.56 -8.96
N ASN B 271 -9.33 -5.42 -7.94
CA ASN B 271 -8.86 -5.05 -6.60
C ASN B 271 -7.35 -4.90 -6.57
N SER B 272 -6.64 -5.94 -7.04
CA SER B 272 -5.18 -6.04 -7.15
C SER B 272 -4.60 -4.92 -8.06
N LYS B 273 -5.31 -4.61 -9.17
CA LYS B 273 -5.00 -3.59 -10.17
C LYS B 273 -5.03 -2.23 -9.48
N MET B 274 -6.13 -1.93 -8.75
CA MET B 274 -6.36 -0.70 -8.00
C MET B 274 -5.37 -0.42 -6.88
N LYS B 275 -4.99 -1.45 -6.09
CA LYS B 275 -4.03 -1.31 -4.99
C LYS B 275 -2.72 -0.72 -5.49
N ILE B 276 -2.15 -1.29 -6.59
CA ILE B 276 -0.89 -0.82 -7.20
C ILE B 276 -1.02 0.65 -7.66
N ALA B 277 -2.23 1.06 -8.08
CA ALA B 277 -2.45 2.43 -8.54
C ALA B 277 -2.47 3.42 -7.39
N VAL B 278 -3.10 3.05 -6.27
CA VAL B 278 -3.26 3.88 -5.09
C VAL B 278 -1.97 3.99 -4.26
N CYS B 279 -1.31 2.84 -4.05
CA CYS B 279 -0.12 2.70 -3.21
C CYS B 279 1.20 3.07 -3.87
N ASN B 280 1.56 2.29 -4.90
CA ASN B 280 2.84 2.34 -5.59
C ASN B 280 3.06 3.49 -6.56
N ASP B 281 4.34 3.87 -6.71
CA ASP B 281 4.84 4.89 -7.63
C ASP B 281 5.60 4.19 -8.74
N PHE B 282 5.64 4.80 -9.94
CA PHE B 282 6.39 4.31 -11.07
C PHE B 282 7.86 4.59 -10.86
N TYR B 283 8.67 3.54 -10.96
CA TYR B 283 10.13 3.64 -10.84
C TYR B 283 10.67 4.14 -12.18
N ALA B 284 11.56 5.14 -12.14
CA ALA B 284 12.19 5.64 -13.37
C ALA B 284 13.42 4.78 -13.71
N ALA B 285 13.92 4.89 -14.94
CA ALA B 285 15.10 4.16 -15.35
C ALA B 285 16.34 4.82 -14.76
N LYS B 286 17.28 4.00 -14.23
CA LYS B 286 18.54 4.47 -13.62
C LYS B 286 19.39 5.30 -14.56
N LYS B 287 19.46 4.90 -15.85
CA LYS B 287 20.19 5.60 -16.90
C LYS B 287 19.23 6.15 -17.95
N LEU B 288 19.67 7.14 -18.75
CA LEU B 288 18.87 7.75 -19.79
C LEU B 288 19.49 7.52 -21.19
N ASP B 289 18.77 6.79 -22.05
CA ASP B 289 19.20 6.51 -23.42
C ASP B 289 18.82 7.75 -24.23
N ASN B 290 19.73 8.74 -24.24
CA ASN B 290 19.56 10.03 -24.91
C ASN B 290 19.27 9.92 -26.41
N LYS B 291 19.78 8.87 -27.08
CA LYS B 291 19.53 8.63 -28.50
C LYS B 291 18.07 8.19 -28.71
N SER B 292 17.55 7.34 -27.79
CA SER B 292 16.17 6.84 -27.79
C SER B 292 15.19 7.96 -27.44
N ILE B 293 15.54 8.83 -26.45
CA ILE B 293 14.72 9.97 -26.04
C ILE B 293 14.56 10.92 -27.24
N GLU B 294 15.69 11.26 -27.89
CA GLU B 294 15.74 12.13 -29.08
C GLU B 294 14.87 11.57 -30.19
N ALA B 295 14.90 10.24 -30.38
CA ALA B 295 14.12 9.53 -31.40
C ALA B 295 12.63 9.68 -31.15
N ASN B 296 12.19 9.52 -29.87
CA ASN B 296 10.79 9.65 -29.46
C ASN B 296 10.34 11.10 -29.53
N CYS B 297 11.25 12.04 -29.23
CA CYS B 297 10.99 13.48 -29.31
C CYS B 297 10.75 13.88 -30.76
N LYS B 298 11.61 13.40 -31.67
CA LYS B 298 11.51 13.66 -33.11
C LYS B 298 10.35 12.88 -33.76
N SER B 299 9.93 11.77 -33.12
CA SER B 299 8.81 10.93 -33.58
C SER B 299 7.49 11.62 -33.24
N LEU B 300 7.45 12.29 -32.08
CA LEU B 300 6.27 13.02 -31.59
C LEU B 300 6.07 14.28 -32.42
N LEU B 301 7.12 15.11 -32.50
CA LEU B 301 7.13 16.36 -33.23
C LEU B 301 8.49 16.48 -33.93
N SER B 302 8.49 16.52 -35.29
CA SER B 302 9.72 16.62 -36.08
C SER B 302 10.50 17.90 -35.76
N GLY B 303 11.75 17.71 -35.34
CA GLY B 303 12.64 18.80 -34.97
C GLY B 303 12.72 19.09 -33.49
N LEU B 304 11.96 18.33 -32.66
CA LEU B 304 11.97 18.50 -31.21
C LEU B 304 13.31 18.02 -30.67
N ARG B 305 13.99 18.89 -29.89
CA ARG B 305 15.32 18.60 -29.35
C ARG B 305 15.37 18.61 -27.83
N ILE B 306 16.28 17.81 -27.27
CA ILE B 306 16.49 17.72 -25.83
C ILE B 306 17.62 18.70 -25.42
N PRO B 307 17.51 19.42 -24.28
CA PRO B 307 16.43 19.40 -23.28
C PRO B 307 15.20 20.18 -23.73
N ILE B 308 14.04 19.83 -23.15
CA ILE B 308 12.80 20.54 -23.46
C ILE B 308 12.62 21.61 -22.39
N ASN B 309 12.74 22.89 -22.81
CA ASN B 309 12.64 24.08 -21.97
C ASN B 309 11.83 25.17 -22.68
N LYS B 310 11.55 26.30 -21.98
CA LYS B 310 10.81 27.44 -22.52
C LYS B 310 11.36 27.90 -23.88
N LYS B 311 12.71 27.99 -23.99
CA LYS B 311 13.45 28.39 -25.20
C LYS B 311 13.20 27.40 -26.35
N GLU B 312 13.30 26.09 -26.06
CA GLU B 312 13.08 24.99 -27.01
C GLU B 312 11.62 24.95 -27.49
N LEU B 313 10.67 25.24 -26.59
CA LEU B 313 9.23 25.25 -26.91
C LEU B 313 8.83 26.44 -27.75
N ASN B 314 9.38 27.65 -27.43
CA ASN B 314 9.11 28.89 -28.14
C ASN B 314 9.63 28.88 -29.58
N ARG B 315 10.72 28.11 -29.81
CA ARG B 315 11.35 27.89 -31.11
C ARG B 315 10.37 27.14 -32.02
N GLN B 316 9.67 26.13 -31.46
CA GLN B 316 8.68 25.25 -32.11
C GLN B 316 7.41 26.04 -32.46
N ARG B 317 7.05 27.02 -31.61
CA ARG B 317 5.91 27.91 -31.79
C ARG B 317 6.20 28.79 -32.99
N ARG B 318 7.42 29.37 -33.03
CA ARG B 318 7.94 30.24 -34.09
C ARG B 318 8.02 29.49 -35.43
N LEU B 319 8.66 28.30 -35.45
CA LEU B 319 8.85 27.47 -36.65
C LEU B 319 7.54 27.17 -37.39
N LEU B 320 6.45 27.06 -36.63
CA LEU B 320 5.11 26.75 -37.10
C LEU B 320 4.42 27.92 -37.82
N THR B 321 4.78 29.19 -37.50
CA THR B 321 4.17 30.41 -38.07
C THR B 321 4.38 30.54 -39.61
N LEU B 322 5.44 29.91 -40.15
CA LEU B 322 5.73 29.90 -41.59
C LEU B 322 6.14 28.49 -42.03
N SER B 340 -2.74 21.73 -44.95
CA SER B 340 -1.64 21.63 -43.99
C SER B 340 -1.96 22.23 -42.62
N LYS B 341 -3.17 22.84 -42.47
CA LYS B 341 -3.65 23.44 -41.22
C LYS B 341 -3.93 22.34 -40.17
N TRP B 342 -4.18 21.10 -40.64
CA TRP B 342 -4.42 19.91 -39.84
C TRP B 342 -3.15 19.48 -39.09
N LEU B 343 -2.00 19.47 -39.82
CA LEU B 343 -0.69 19.11 -39.29
C LEU B 343 -0.21 20.12 -38.23
N THR B 344 -0.47 21.43 -38.48
CA THR B 344 -0.10 22.52 -37.56
C THR B 344 -0.97 22.52 -36.29
N ASN B 345 -2.25 22.06 -36.42
CA ASN B 345 -3.18 21.96 -35.30
C ASN B 345 -2.72 20.91 -34.30
N LYS B 346 -2.19 19.76 -34.80
CA LYS B 346 -1.64 18.67 -34.00
C LYS B 346 -0.41 19.17 -33.23
N ALA B 347 0.47 19.93 -33.93
CA ALA B 347 1.70 20.50 -33.38
C ALA B 347 1.43 21.42 -32.20
N ASN B 348 0.46 22.37 -32.35
CA ASN B 348 0.08 23.31 -31.30
C ASN B 348 -0.37 22.56 -30.04
N THR B 349 -1.23 21.53 -30.21
CA THR B 349 -1.77 20.65 -29.16
C THR B 349 -0.62 20.03 -28.35
N ILE B 350 0.40 19.47 -29.04
CA ILE B 350 1.59 18.85 -28.45
C ILE B 350 2.39 19.88 -27.63
N ILE B 351 2.74 21.03 -28.24
CA ILE B 351 3.49 22.11 -27.59
C ILE B 351 2.73 22.61 -26.36
N ASP B 352 1.40 22.85 -26.49
CA ASP B 352 0.52 23.30 -25.39
C ASP B 352 0.61 22.34 -24.19
N TRP B 353 0.63 21.01 -24.45
CA TRP B 353 0.73 20.00 -23.38
C TRP B 353 2.11 20.01 -22.74
N LEU B 354 3.19 19.98 -23.56
CA LEU B 354 4.56 19.99 -23.06
C LEU B 354 4.85 21.26 -22.26
N GLU B 355 4.29 22.40 -22.70
CA GLU B 355 4.39 23.70 -22.02
C GLU B 355 3.70 23.58 -20.66
N HIS B 356 2.52 22.91 -20.63
CA HIS B 356 1.75 22.67 -19.40
C HIS B 356 2.56 21.80 -18.43
N ILE B 357 3.25 20.76 -18.95
CA ILE B 357 4.08 19.87 -18.14
C ILE B 357 5.27 20.63 -17.55
N LEU B 358 5.90 21.50 -18.38
CA LEU B 358 7.04 22.34 -18.01
C LEU B 358 6.67 23.29 -16.85
N ASN B 359 5.52 23.99 -16.98
CA ASN B 359 4.99 24.91 -15.99
C ASN B 359 4.44 24.21 -14.74
N SER B 360 4.18 22.90 -14.83
CA SER B 360 3.64 22.11 -13.72
C SER B 360 4.69 21.80 -12.65
N PRO B 361 4.29 21.74 -11.35
CA PRO B 361 5.27 21.42 -10.30
C PRO B 361 5.69 19.95 -10.34
N LYS B 362 6.94 19.66 -9.96
CA LYS B 362 7.44 18.28 -9.92
C LYS B 362 6.75 17.55 -8.78
N GLY B 363 6.29 16.35 -9.09
CA GLY B 363 5.65 15.44 -8.13
C GLY B 363 6.19 14.04 -8.30
N GLU B 364 5.67 13.10 -7.49
CA GLU B 364 6.09 11.70 -7.61
C GLU B 364 5.31 11.04 -8.77
N LEU B 365 5.91 10.01 -9.41
CA LEU B 365 5.27 9.33 -10.54
C LEU B 365 4.15 8.38 -10.06
N ASN B 366 2.95 8.92 -9.83
CA ASN B 366 1.78 8.16 -9.39
C ASN B 366 0.49 8.71 -9.97
N TYR B 367 -0.56 7.86 -10.00
CA TYR B 367 -1.87 8.18 -10.56
C TYR B 367 -2.57 9.34 -9.88
N ASP B 368 -2.20 9.66 -8.62
CA ASP B 368 -2.76 10.80 -7.91
C ASP B 368 -2.20 12.08 -8.54
N PHE B 369 -0.88 12.09 -8.81
CA PHE B 369 -0.19 13.21 -9.44
C PHE B 369 -0.57 13.35 -10.92
N PHE B 370 -0.78 12.21 -11.62
CA PHE B 370 -1.16 12.22 -13.03
C PHE B 370 -2.57 12.76 -13.21
N GLU B 371 -3.47 12.44 -12.25
CA GLU B 371 -4.87 12.92 -12.18
C GLU B 371 -4.86 14.44 -12.03
N ALA B 372 -3.92 14.96 -11.21
CA ALA B 372 -3.70 16.37 -10.97
C ALA B 372 -3.23 17.03 -12.26
N LEU B 373 -2.23 16.45 -12.94
CA LEU B 373 -1.72 16.99 -14.21
C LEU B 373 -2.84 17.20 -15.24
N GLU B 374 -3.70 16.21 -15.49
CA GLU B 374 -4.76 16.45 -16.47
C GLU B 374 -5.98 17.22 -15.90
N ASN B 375 -6.10 17.31 -14.56
CA ASN B 375 -7.19 18.10 -13.96
C ASN B 375 -6.85 19.60 -14.07
N THR B 376 -5.54 19.89 -14.16
CA THR B 376 -4.93 21.21 -14.23
C THR B 376 -4.88 21.71 -15.68
N TYR B 377 -5.08 20.81 -16.66
CA TYR B 377 -5.05 21.15 -18.08
C TYR B 377 -6.47 21.42 -18.64
N PRO B 378 -6.72 22.64 -19.17
CA PRO B 378 -8.08 22.97 -19.65
C PRO B 378 -8.54 22.31 -20.95
N ASN B 379 -7.63 22.07 -21.91
CA ASN B 379 -7.95 21.51 -23.22
C ASN B 379 -7.74 19.99 -23.32
N MET B 380 -8.11 19.27 -22.24
CA MET B 380 -7.97 17.82 -22.10
C MET B 380 -8.69 16.98 -23.15
N ILE B 381 -9.93 17.33 -23.46
CA ILE B 381 -10.74 16.59 -24.42
C ILE B 381 -10.30 16.90 -25.85
N LYS B 382 -9.84 18.14 -26.12
CA LYS B 382 -9.35 18.54 -27.43
C LYS B 382 -8.11 17.70 -27.79
N LEU B 383 -7.24 17.44 -26.79
CA LEU B 383 -6.02 16.64 -26.90
C LEU B 383 -6.34 15.22 -27.41
N ILE B 384 -7.21 14.48 -26.69
CA ILE B 384 -7.65 13.11 -27.01
C ILE B 384 -8.33 13.06 -28.39
N ASP B 385 -9.06 14.13 -28.73
CA ASP B 385 -9.76 14.26 -30.00
C ASP B 385 -8.80 14.51 -31.17
N ASN B 386 -7.71 15.28 -30.94
CA ASN B 386 -6.77 15.64 -31.99
C ASN B 386 -5.64 14.65 -32.22
N LEU B 387 -5.25 13.88 -31.18
CA LEU B 387 -4.14 12.93 -31.31
C LEU B 387 -4.57 11.47 -31.27
N GLY B 388 -3.93 10.66 -32.11
CA GLY B 388 -4.18 9.23 -32.21
C GLY B 388 -3.62 8.45 -31.03
N ASN B 389 -3.98 7.16 -30.94
CA ASN B 389 -3.51 6.31 -29.84
C ASN B 389 -2.00 6.25 -29.75
N ALA B 390 -1.32 6.08 -30.91
CA ALA B 390 0.14 6.00 -30.99
C ALA B 390 0.84 7.32 -30.63
N GLU B 391 0.25 8.46 -31.06
CA GLU B 391 0.75 9.80 -30.79
C GLU B 391 0.69 10.11 -29.29
N ILE B 392 -0.45 9.78 -28.64
CA ILE B 392 -0.67 10.00 -27.20
C ILE B 392 0.31 9.17 -26.35
N LYS B 393 0.63 7.93 -26.80
CA LYS B 393 1.57 7.06 -26.12
C LYS B 393 2.98 7.65 -26.20
N LYS B 394 3.34 8.23 -27.37
CA LYS B 394 4.61 8.92 -27.63
C LYS B 394 4.68 10.16 -26.76
N LEU B 395 3.56 10.92 -26.70
CA LEU B 395 3.42 12.13 -25.88
C LEU B 395 3.64 11.82 -24.40
N ILE B 396 3.22 10.62 -23.92
CA ILE B 396 3.39 10.24 -22.51
C ILE B 396 4.87 9.89 -22.23
N LYS B 397 5.56 9.23 -23.19
CA LYS B 397 6.98 8.88 -23.03
C LYS B 397 7.78 10.18 -22.84
N VAL B 398 7.54 11.17 -23.73
CA VAL B 398 8.17 12.50 -23.70
C VAL B 398 7.81 13.22 -22.38
N THR B 399 6.54 13.11 -21.92
CA THR B 399 6.06 13.68 -20.66
C THR B 399 6.85 13.09 -19.48
N GLY B 400 6.99 11.77 -19.46
CA GLY B 400 7.72 11.03 -18.43
C GLY B 400 9.16 11.46 -18.29
N TYR B 401 9.84 11.67 -19.45
CA TYR B 401 11.23 12.13 -19.52
C TYR B 401 11.35 13.51 -18.85
N MET B 402 10.48 14.46 -19.24
CA MET B 402 10.38 15.81 -18.72
C MET B 402 10.17 15.81 -17.20
N LEU B 403 9.24 14.96 -16.71
CA LEU B 403 8.93 14.86 -15.29
C LEU B 403 10.13 14.36 -14.49
N VAL B 404 10.86 13.39 -15.04
CA VAL B 404 12.06 12.79 -14.45
C VAL B 404 13.20 13.82 -14.47
N SER B 405 13.30 14.60 -15.57
CA SER B 405 14.30 15.65 -15.78
C SER B 405 14.22 16.81 -14.77
N LYS B 406 13.02 17.04 -14.21
CA LYS B 406 12.75 18.08 -13.22
C LYS B 406 13.56 17.89 -11.91
N LYS B 407 14.04 19.02 -11.35
CA LYS B 407 14.81 19.15 -10.10
C LYS B 407 16.02 18.21 -10.04
ZN ZN C . -0.81 28.57 32.99
PG GTP D . -10.67 -1.82 28.19
O1G GTP D . -11.38 -2.17 29.44
O2G GTP D . -10.08 -0.40 28.22
O3G GTP D . -11.54 -1.94 26.93
O3B GTP D . -9.41 -2.73 27.85
PB GTP D . -8.09 -3.63 27.89
O1B GTP D . -7.72 -3.56 29.38
O2B GTP D . -8.25 -4.97 27.29
O3A GTP D . -6.94 -2.71 27.29
PA GTP D . -6.28 -1.39 26.67
O1A GTP D . -6.20 -0.25 27.61
O2A GTP D . -4.94 -1.80 26.07
O5' GTP D . -7.07 -1.05 25.29
C5' GTP D . -8.33 -0.35 25.32
C4' GTP D . -8.03 1.12 25.39
O4' GTP D . -7.00 1.44 24.42
C3' GTP D . -9.18 2.07 25.08
O3' GTP D . -10.01 2.28 26.21
C2' GTP D . -8.46 3.33 24.59
O2' GTP D . -8.14 4.24 25.62
C1' GTP D . -7.19 2.75 23.93
N9 GTP D . -7.20 2.70 22.47
C8 GTP D . -6.23 3.23 21.66
N7 GTP D . -6.50 3.16 20.39
C5 GTP D . -7.73 2.53 20.34
C6 GTP D . -8.59 2.26 19.23
O6 GTP D . -8.38 2.54 18.06
N1 GTP D . -9.78 1.68 19.62
C2 GTP D . -10.13 1.39 20.91
N2 GTP D . -11.37 0.93 21.10
N3 GTP D . -9.34 1.62 21.95
C4 GTP D . -8.18 2.21 21.60
ZN ZN E . 8.30 -29.30 -28.84
O5' GMP F . 5.69 2.40 -28.61
C5' GMP F . 4.85 1.97 -27.54
C4' GMP F . 4.82 0.46 -27.42
O4' GMP F . 4.11 0.11 -26.20
C3' GMP F . 4.08 -0.27 -28.54
O3' GMP F . 4.94 -0.54 -29.64
C2' GMP F . 3.60 -1.55 -27.84
O2' GMP F . 4.61 -2.56 -27.78
C1' GMP F . 3.29 -1.02 -26.43
N9 GMP F . 1.88 -0.63 -26.22
C8 GMP F . 1.00 -0.14 -27.16
N7 GMP F . -0.20 0.10 -26.68
C5 GMP F . -0.11 -0.25 -25.35
C6 GMP F . -1.10 -0.27 -24.30
O6 GMP F . -2.29 0.08 -24.38
N1 GMP F . -0.60 -0.76 -23.11
C2 GMP F . 0.69 -1.18 -22.92
N2 GMP F . 0.99 -1.66 -21.72
N3 GMP F . 1.62 -1.18 -23.87
C4 GMP F . 1.16 -0.71 -25.05
HO5' GMP F . 5.12 2.55 -29.41
H5'2 GMP F . 3.84 2.36 -27.65
H4' GMP F . 5.82 0.08 -27.24
H3' GMP F . 3.25 0.33 -28.90
HO3' GMP F . 4.37 -0.54 -30.45
H2' GMP F . 2.74 -1.96 -28.34
HO2' GMP F . 4.21 -3.40 -28.14
H1' GMP F . 3.54 -1.77 -25.67
H8 GMP F . 1.25 0.02 -28.20
HN1 GMP F . -1.26 -0.79 -22.35
HN21 GMP F . 0.34 -1.73 -20.94
HN22 GMP F . 1.95 -1.96 -21.54
H41 GMP F . 5.27 2.44 -26.65
#